data_4LSR
#
_entry.id   4LSR
#
_cell.length_a   64.934
_cell.length_b   67.726
_cell.length_c   220.120
_cell.angle_alpha   90.00
_cell.angle_beta   90.00
_cell.angle_gamma   90.00
#
_symmetry.space_group_name_H-M   'P 21 21 21'
#
loop_
_entity.id
_entity.type
_entity.pdbx_description
1 polymer 'ENVELOPE GLYCOPROTEIN GP120 WITH LOOP D AND V5 FROM STRAIN ker_2018_11'
2 polymer 'HEAVY CHAIN OF ANTIBODY VRC-CH31'
3 polymer 'LIGHT CHAIN OF ANTIBODY VRC-CH31 (N70D MUTATION)'
4 non-polymer 2-acetamido-2-deoxy-beta-D-glucopyranose
5 non-polymer 'SULFATE ION'
6 water water
#
loop_
_entity_poly.entity_id
_entity_poly.type
_entity_poly.pdbx_seq_one_letter_code
_entity_poly.pdbx_strand_id
1 'polypeptide(L)'
;VWKDADTTLFCASDAKAHETEVHNVWATHACVPTDPNPQEIHLENVTENFNMWKNNMVEQMQEDVISLWDQSLQPCVKLT
GGSVIKQACPKISFDPIPIHYCTPAGYVILKCNDKNFNGTGPCKNVSSVQCTHGIKPVVSTQLLLNGSLAEEEIIIRSEN
ISDNAKTIIVHLNKSVEINCTRPSNGGSGSGGDIRKAYCEINGTKWNKVLKQVTEKLKEHFNNKTIIFQPPSGGDLEITM
HHFNCRGEFFYCNTTQLFNNTCIGNETMKGCNGTITLPCKIKQIINMWQGTGQAMYAPPIDGKINCVSNITGILLTRDGG
NTGNNSRTNETFRPGGGNIKDNWRSELYKYKVVQIE
;
G
2 'polypeptide(L)'
;QVQLVQSGAAVRKPGASVTVSCKFAEDDDYSPYWVNPAPEHFIHFLRQAPGQQLEWLAWMNPTNGAVNYAWYLNGRVTAT
RDRSMTTAFLEVKSLRSDDTAVYYCARAQKRGRSEWAYAHWGQGTPVVVSSASTKGPSVFPLAPSSKSTSGGTAALGCLV
KDYFPEPVTVSWNSGALTSGVHTFPAVLQSSGLYSLSSVVTVPSSSLGTQTYICNVNHKPSNTKVDKKVEPKSCDK
;
H
3 'polypeptide(L)'
;DIQMTQSPSSLSASLGDRVTITCQASRGIGKDLNWYQQKAGKAPKLLVSDASTLEGGVPSRFSGSGFHQDFSLTISSLQA
EDVATYFCQQYETFGQGTKVDIKRTVAAPSVFIFPPSDEQLKSGTASVVCLLNNFYPREAKVQWKVDNALQSGNSQESVT
EQDSKDSTYSLSSTLTLSKADYEKHKVYACEVTHQGLSSPVTKSFNRGEC
;
L
#
loop_
_chem_comp.id
_chem_comp.type
_chem_comp.name
_chem_comp.formula
NAG D-saccharide, beta linking 2-acetamido-2-deoxy-beta-D-glucopyranose 'C8 H15 N O6'
SO4 non-polymer 'SULFATE ION' 'O4 S -2'
#
# COMPACT_ATOMS: atom_id res chain seq x y z
N VAL A 1 19.18 -31.20 -25.77
CA VAL A 1 17.88 -30.66 -25.39
C VAL A 1 17.61 -30.86 -23.90
N TRP A 2 16.97 -29.87 -23.28
CA TRP A 2 16.66 -29.89 -21.86
C TRP A 2 15.44 -29.03 -21.60
N LYS A 3 14.97 -29.05 -20.36
CA LYS A 3 13.88 -28.19 -19.97
C LYS A 3 14.08 -27.67 -18.55
N ASP A 4 13.52 -26.51 -18.24
CA ASP A 4 13.58 -25.97 -16.90
C ASP A 4 12.92 -26.95 -15.94
N ALA A 5 13.50 -27.10 -14.76
CA ALA A 5 12.91 -27.93 -13.74
C ALA A 5 13.54 -27.66 -12.39
N ASP A 6 12.90 -28.15 -11.34
CA ASP A 6 13.42 -28.03 -10.00
C ASP A 6 13.64 -29.42 -9.46
N THR A 7 14.80 -29.67 -8.88
CA THR A 7 15.05 -30.95 -8.24
C THR A 7 15.79 -30.70 -6.95
N THR A 8 15.77 -31.69 -6.06
CA THR A 8 16.53 -31.61 -4.82
C THR A 8 18.02 -31.59 -5.14
N LEU A 9 18.68 -30.48 -4.83
CA LEU A 9 20.12 -30.37 -5.03
C LEU A 9 20.87 -30.86 -3.80
N PHE A 10 22.15 -31.15 -3.97
CA PHE A 10 23.00 -31.44 -2.82
C PHE A 10 24.17 -30.47 -2.77
N CYS A 11 24.67 -30.24 -1.56
CA CYS A 11 25.79 -29.34 -1.38
C CYS A 11 27.11 -30.11 -1.25
N ALA A 12 28.18 -29.46 -1.69
CA ALA A 12 29.51 -30.01 -1.58
C ALA A 12 30.39 -28.91 -1.00
N SER A 13 31.44 -29.29 -0.29
CA SER A 13 32.35 -28.30 0.27
C SER A 13 33.71 -28.89 0.55
N ASP A 14 34.62 -28.05 1.04
CA ASP A 14 35.92 -28.52 1.48
C ASP A 14 36.01 -28.42 3.00
N ALA A 15 34.88 -28.68 3.64
CA ALA A 15 34.82 -28.65 5.09
C ALA A 15 35.88 -29.56 5.69
N LYS A 16 36.35 -29.19 6.86
CA LYS A 16 37.27 -30.02 7.60
C LYS A 16 36.49 -30.76 8.69
N ALA A 17 36.56 -32.09 8.65
CA ALA A 17 35.77 -32.93 9.54
C ALA A 17 36.20 -32.85 11.00
N HIS A 18 37.45 -32.47 11.25
CA HIS A 18 37.98 -32.39 12.60
C HIS A 18 37.77 -31.02 13.24
N GLU A 19 37.24 -30.06 12.48
CA GLU A 19 36.98 -28.72 12.99
C GLU A 19 35.76 -28.71 13.91
N THR A 20 35.78 -27.80 14.87
CA THR A 20 34.64 -27.57 15.75
C THR A 20 33.89 -26.32 15.32
N GLU A 21 34.48 -25.56 14.38
CA GLU A 21 33.79 -24.43 13.75
C GLU A 21 32.48 -24.92 13.12
N VAL A 22 31.38 -24.21 13.40
CA VAL A 22 30.04 -24.76 13.16
C VAL A 22 29.66 -24.97 11.69
N HIS A 23 30.18 -24.15 10.79
CA HIS A 23 29.92 -24.35 9.38
C HIS A 23 30.60 -25.63 8.90
N ASN A 24 31.83 -25.86 9.35
CA ASN A 24 32.55 -27.08 9.01
C ASN A 24 31.83 -28.30 9.57
N VAL A 25 31.31 -28.19 10.78
CA VAL A 25 30.61 -29.31 11.40
C VAL A 25 29.36 -29.62 10.60
N TRP A 26 28.58 -28.58 10.28
CA TRP A 26 27.38 -28.78 9.50
C TRP A 26 27.68 -29.39 8.14
N ALA A 27 28.60 -28.77 7.40
CA ALA A 27 28.89 -29.19 6.04
C ALA A 27 29.49 -30.59 6.01
N THR A 28 30.08 -31.02 7.11
CA THR A 28 30.73 -32.31 7.17
C THR A 28 29.70 -33.43 7.05
N HIS A 29 28.57 -33.26 7.72
CA HIS A 29 27.50 -34.26 7.65
C HIS A 29 26.41 -33.93 6.62
N ALA A 30 26.36 -32.68 6.16
CA ALA A 30 25.28 -32.25 5.28
C ALA A 30 25.72 -32.04 3.84
N CYS A 31 27.02 -32.11 3.58
CA CYS A 31 27.54 -31.98 2.22
C CYS A 31 28.52 -33.10 1.90
N VAL A 32 28.82 -33.27 0.62
CA VAL A 32 29.91 -34.14 0.20
C VAL A 32 31.16 -33.31 -0.09
N PRO A 33 32.32 -33.96 -0.16
CA PRO A 33 33.55 -33.29 -0.60
C PRO A 33 33.37 -32.62 -1.95
N THR A 34 34.14 -31.56 -2.19
CA THR A 34 34.15 -30.89 -3.48
C THR A 34 34.68 -31.83 -4.55
N ASP A 35 34.13 -31.72 -5.77
CA ASP A 35 34.66 -32.47 -6.89
C ASP A 35 36.08 -32.01 -7.20
N PRO A 36 37.07 -32.90 -7.01
CA PRO A 36 38.48 -32.55 -7.21
C PRO A 36 38.76 -31.90 -8.56
N ASN A 37 37.94 -32.17 -9.56
CA ASN A 37 38.15 -31.65 -10.90
C ASN A 37 36.84 -31.46 -11.65
N PRO A 38 36.12 -30.36 -11.36
CA PRO A 38 34.79 -30.14 -11.92
C PRO A 38 34.86 -29.68 -13.38
N GLN A 39 33.97 -30.22 -14.21
CA GLN A 39 33.96 -29.89 -15.62
C GLN A 39 32.94 -28.79 -15.88
N GLU A 40 33.25 -27.94 -16.85
CA GLU A 40 32.32 -26.93 -17.32
C GLU A 40 32.34 -26.99 -18.83
N ILE A 41 31.17 -27.11 -19.43
CA ILE A 41 31.08 -27.22 -20.88
C ILE A 41 30.37 -25.99 -21.46
N HIS A 42 31.01 -25.34 -22.42
CA HIS A 42 30.43 -24.16 -23.04
C HIS A 42 29.55 -24.55 -24.21
N LEU A 43 28.45 -23.84 -24.39
CA LEU A 43 27.47 -24.19 -25.40
C LEU A 43 27.52 -23.20 -26.56
N GLU A 44 28.27 -23.56 -27.59
CA GLU A 44 28.57 -22.66 -28.71
C GLU A 44 27.45 -21.67 -29.06
N ASN A 45 26.39 -22.17 -29.67
CA ASN A 45 25.34 -21.29 -30.21
C ASN A 45 24.03 -21.36 -29.44
N VAL A 46 24.13 -21.38 -28.11
CA VAL A 46 22.95 -21.46 -27.28
C VAL A 46 22.60 -20.09 -26.72
N THR A 47 21.30 -19.86 -26.53
CA THR A 47 20.82 -18.66 -25.89
C THR A 47 19.63 -19.06 -25.02
N GLU A 48 19.74 -18.81 -23.72
CA GLU A 48 18.78 -19.32 -22.76
C GLU A 48 18.24 -18.18 -21.90
N ASN A 49 17.04 -18.37 -21.37
CA ASN A 49 16.42 -17.35 -20.51
C ASN A 49 16.55 -17.68 -19.04
N PHE A 50 17.13 -16.75 -18.28
CA PHE A 50 17.25 -16.90 -16.83
C PHE A 50 16.27 -15.98 -16.11
N ASN A 51 16.03 -16.27 -14.84
CA ASN A 51 15.24 -15.41 -13.97
C ASN A 51 15.68 -15.61 -12.53
N MET A 52 16.63 -14.80 -12.10
CA MET A 52 17.22 -14.94 -10.78
C MET A 52 16.20 -14.74 -9.66
N TRP A 53 15.07 -14.12 -9.99
CA TRP A 53 14.04 -13.84 -8.99
C TRP A 53 13.05 -14.99 -8.83
N LYS A 54 13.12 -15.95 -9.75
CA LYS A 54 12.32 -17.17 -9.67
C LYS A 54 13.24 -18.34 -9.87
N ASN A 55 14.01 -18.65 -8.84
CA ASN A 55 15.05 -19.67 -8.91
C ASN A 55 14.98 -20.53 -7.66
N ASN A 56 14.49 -21.75 -7.80
CA ASN A 56 14.31 -22.63 -6.66
C ASN A 56 15.61 -22.95 -5.93
N MET A 57 16.75 -22.71 -6.57
CA MET A 57 18.04 -22.90 -5.92
C MET A 57 18.11 -22.04 -4.67
N VAL A 58 17.52 -20.86 -4.75
CA VAL A 58 17.55 -19.88 -3.67
C VAL A 58 16.78 -20.42 -2.47
N GLU A 59 15.66 -21.07 -2.75
CA GLU A 59 14.83 -21.67 -1.71
C GLU A 59 15.60 -22.76 -0.98
N GLN A 60 16.42 -23.51 -1.72
CA GLN A 60 17.12 -24.65 -1.12
C GLN A 60 18.26 -24.17 -0.24
N MET A 61 19.01 -23.19 -0.73
CA MET A 61 20.06 -22.62 0.08
C MET A 61 19.47 -22.02 1.36
N GLN A 62 18.32 -21.36 1.25
CA GLN A 62 17.68 -20.77 2.43
C GLN A 62 17.36 -21.85 3.45
N GLU A 63 16.73 -22.94 3.00
CA GLU A 63 16.45 -24.09 3.86
C GLU A 63 17.72 -24.56 4.56
N ASP A 64 18.80 -24.62 3.81
CA ASP A 64 20.05 -25.14 4.31
C ASP A 64 20.68 -24.24 5.37
N VAL A 65 20.75 -22.95 5.08
CA VAL A 65 21.36 -22.00 6.02
C VAL A 65 20.53 -21.86 7.29
N ILE A 66 19.22 -21.81 7.14
CA ILE A 66 18.35 -21.80 8.30
C ILE A 66 18.68 -23.00 9.16
N SER A 67 18.79 -24.16 8.52
CA SER A 67 19.10 -25.41 9.19
C SER A 67 20.47 -25.36 9.85
N LEU A 68 21.43 -24.75 9.17
CA LEU A 68 22.78 -24.60 9.72
C LEU A 68 22.74 -23.76 10.98
N TRP A 69 21.88 -22.76 11.00
CA TRP A 69 21.84 -21.81 12.11
C TRP A 69 21.10 -22.41 13.28
N ASP A 70 19.96 -23.02 13.00
CA ASP A 70 19.14 -23.58 14.05
C ASP A 70 19.88 -24.61 14.89
N GLN A 71 20.83 -25.32 14.28
CA GLN A 71 21.55 -26.35 15.01
C GLN A 71 22.96 -25.92 15.40
N SER A 72 23.40 -24.75 14.94
CA SER A 72 24.74 -24.27 15.28
C SER A 72 24.71 -23.25 16.42
N LEU A 73 23.80 -22.29 16.34
CA LEU A 73 23.76 -21.22 17.32
C LEU A 73 23.12 -21.70 18.60
N GLN A 74 23.63 -21.18 19.73
CA GLN A 74 23.21 -21.62 21.04
C GLN A 74 22.87 -20.46 21.96
N PRO A 75 21.70 -19.85 21.74
CA PRO A 75 21.23 -18.79 22.64
C PRO A 75 20.91 -19.34 24.02
N CYS A 76 21.16 -18.55 25.06
CA CYS A 76 20.79 -18.93 26.41
C CYS A 76 19.27 -19.05 26.49
N VAL A 77 18.58 -18.21 25.71
CA VAL A 77 17.12 -18.20 25.68
C VAL A 77 16.59 -17.91 24.30
N LYS A 78 15.61 -18.71 23.87
CA LYS A 78 14.84 -18.42 22.66
C LYS A 78 13.40 -18.10 23.05
N LEU A 79 12.87 -17.01 22.50
CA LEU A 79 11.48 -16.62 22.74
C LEU A 79 10.76 -16.61 21.40
N THR A 80 9.64 -17.30 21.32
CA THR A 80 8.85 -17.33 20.09
C THR A 80 7.36 -17.36 20.42
N GLY A 81 6.74 -16.18 20.43
CA GLY A 81 5.34 -16.07 20.75
C GLY A 81 5.07 -16.41 22.20
N GLY A 82 4.58 -17.62 22.44
CA GLY A 82 4.29 -18.09 23.79
C GLY A 82 5.26 -19.16 24.26
N SER A 83 6.43 -19.23 23.62
CA SER A 83 7.42 -20.23 23.97
C SER A 83 8.70 -19.59 24.51
N VAL A 84 9.11 -20.05 25.70
CA VAL A 84 10.37 -19.61 26.28
C VAL A 84 11.29 -20.82 26.53
N ILE A 85 12.34 -20.92 25.74
CA ILE A 85 13.25 -22.04 25.85
C ILE A 85 14.62 -21.59 26.40
N LYS A 86 14.94 -22.07 27.60
CA LYS A 86 16.23 -21.79 28.21
C LYS A 86 17.15 -22.98 27.98
N GLN A 87 18.44 -22.71 27.87
CA GLN A 87 19.42 -23.77 27.62
C GLN A 87 20.83 -23.23 27.80
N ALA A 88 21.81 -24.11 27.66
CA ALA A 88 23.21 -23.73 27.82
C ALA A 88 23.68 -22.99 26.58
N CYS A 89 24.48 -21.95 26.78
CA CYS A 89 24.91 -21.08 25.69
C CYS A 89 26.42 -20.90 25.67
N PRO A 90 27.15 -21.99 25.52
CA PRO A 90 28.60 -21.89 25.37
C PRO A 90 28.93 -21.12 24.11
N LYS A 91 30.05 -20.41 24.11
CA LYS A 91 30.46 -19.65 22.93
C LYS A 91 30.87 -20.65 21.89
N ILE A 92 30.75 -20.27 20.62
CA ILE A 92 31.03 -21.19 19.54
C ILE A 92 32.09 -20.62 18.60
N SER A 93 32.67 -21.49 17.78
CA SER A 93 33.57 -21.05 16.74
C SER A 93 32.73 -20.87 15.49
N PHE A 94 32.90 -19.72 14.84
CA PHE A 94 31.97 -19.32 13.79
C PHE A 94 32.69 -18.56 12.70
N ASP A 95 32.71 -19.14 11.50
CA ASP A 95 33.31 -18.48 10.35
C ASP A 95 32.84 -19.19 9.09
N PRO A 96 31.99 -18.52 8.30
CA PRO A 96 31.36 -19.17 7.14
C PRO A 96 32.37 -19.74 6.14
N ILE A 97 32.08 -20.92 5.60
CA ILE A 97 32.90 -21.53 4.54
C ILE A 97 32.10 -21.65 3.25
N PRO A 98 32.79 -21.75 2.11
CA PRO A 98 32.12 -21.84 0.81
C PRO A 98 31.34 -23.15 0.63
N ILE A 99 30.08 -23.03 0.24
CA ILE A 99 29.28 -24.19 -0.13
C ILE A 99 28.98 -24.14 -1.62
N HIS A 100 29.08 -25.27 -2.28
CA HIS A 100 28.67 -25.39 -3.68
C HIS A 100 27.38 -26.17 -3.76
N TYR A 101 26.49 -25.77 -4.65
CA TYR A 101 25.25 -26.51 -4.86
C TYR A 101 25.30 -27.26 -6.19
N CYS A 102 24.95 -28.55 -6.13
CA CYS A 102 25.14 -29.45 -7.24
C CYS A 102 23.86 -30.20 -7.58
N THR A 103 23.72 -30.56 -8.85
CA THR A 103 22.57 -31.33 -9.32
C THR A 103 22.85 -32.82 -9.25
N PRO A 104 21.79 -33.62 -9.12
CA PRO A 104 21.86 -35.08 -9.15
C PRO A 104 21.88 -35.62 -10.58
N ALA A 105 21.96 -36.92 -10.74
CA ALA A 105 21.97 -37.52 -12.06
C ALA A 105 20.75 -37.03 -12.83
N GLY A 106 20.91 -36.89 -14.14
CA GLY A 106 19.81 -36.50 -15.00
C GLY A 106 19.58 -35.00 -15.13
N TYR A 107 20.14 -34.24 -14.21
CA TYR A 107 19.99 -32.77 -14.21
C TYR A 107 21.35 -32.11 -14.39
N VAL A 108 21.34 -30.89 -14.90
CA VAL A 108 22.56 -30.14 -15.10
C VAL A 108 22.29 -28.70 -14.70
N ILE A 109 23.34 -27.95 -14.40
CA ILE A 109 23.18 -26.55 -14.07
C ILE A 109 23.66 -25.67 -15.22
N LEU A 110 22.82 -24.75 -15.65
CA LEU A 110 23.22 -23.81 -16.69
C LEU A 110 23.73 -22.53 -16.06
N LYS A 111 24.83 -22.02 -16.60
CA LYS A 111 25.50 -20.86 -16.03
C LYS A 111 25.61 -19.79 -17.10
N CYS A 112 25.14 -18.59 -16.78
CA CYS A 112 25.27 -17.46 -17.70
C CYS A 112 26.62 -16.79 -17.49
N ASN A 113 27.34 -16.56 -18.58
CA ASN A 113 28.66 -15.93 -18.51
C ASN A 113 28.69 -14.55 -19.15
N ASP A 114 27.51 -13.98 -19.40
CA ASP A 114 27.43 -12.62 -19.89
C ASP A 114 27.87 -11.68 -18.78
N LYS A 115 28.84 -10.84 -19.08
CA LYS A 115 29.50 -10.01 -18.08
C LYS A 115 28.52 -9.07 -17.39
N ASN A 116 27.62 -8.49 -18.17
CA ASN A 116 26.70 -7.49 -17.65
C ASN A 116 25.28 -8.00 -17.51
N PHE A 117 25.13 -9.31 -17.46
CA PHE A 117 23.83 -9.93 -17.25
C PHE A 117 23.30 -9.42 -15.91
N ASN A 118 22.06 -8.95 -15.89
CA ASN A 118 21.51 -8.35 -14.67
C ASN A 118 20.70 -9.32 -13.81
N GLY A 119 20.49 -10.54 -14.30
CA GLY A 119 19.81 -11.55 -13.50
C GLY A 119 18.60 -12.15 -14.18
N THR A 120 18.03 -11.40 -15.12
CA THR A 120 16.88 -11.89 -15.87
C THR A 120 17.04 -11.55 -17.34
N GLY A 121 16.52 -12.42 -18.19
CA GLY A 121 16.48 -12.17 -19.62
C GLY A 121 17.30 -13.16 -20.41
N PRO A 122 17.48 -12.89 -21.71
CA PRO A 122 18.30 -13.75 -22.57
C PRO A 122 19.76 -13.73 -22.14
N CYS A 123 20.45 -14.85 -22.32
CA CYS A 123 21.88 -14.93 -22.07
C CYS A 123 22.54 -15.65 -23.23
N LYS A 124 23.57 -15.04 -23.80
CA LYS A 124 24.19 -15.56 -25.02
C LYS A 124 25.31 -16.56 -24.71
N ASN A 125 26.19 -16.20 -23.78
CA ASN A 125 27.28 -17.08 -23.37
C ASN A 125 26.84 -17.99 -22.24
N VAL A 126 26.32 -19.16 -22.59
CA VAL A 126 25.88 -20.13 -21.60
C VAL A 126 26.84 -21.30 -21.55
N SER A 127 26.93 -21.94 -20.40
CA SER A 127 27.69 -23.16 -20.24
C SER A 127 26.98 -24.05 -19.21
N SER A 128 27.42 -25.30 -19.08
CA SER A 128 26.83 -26.18 -18.08
C SER A 128 27.89 -26.66 -17.10
N VAL A 129 27.53 -26.69 -15.82
CA VAL A 129 28.41 -27.18 -14.77
C VAL A 129 27.66 -28.15 -13.87
N GLN A 130 28.38 -28.83 -12.99
CA GLN A 130 27.74 -29.77 -12.07
C GLN A 130 27.48 -29.11 -10.73
N CYS A 131 28.20 -28.03 -10.45
CA CYS A 131 28.03 -27.30 -9.19
C CYS A 131 28.22 -25.81 -9.41
N THR A 132 27.60 -25.01 -8.55
CA THR A 132 27.90 -23.58 -8.50
C THR A 132 29.33 -23.42 -8.02
N HIS A 133 29.82 -22.19 -8.06
CA HIS A 133 31.04 -21.81 -7.37
C HIS A 133 30.79 -21.86 -5.87
N GLY A 134 31.85 -21.68 -5.08
CA GLY A 134 31.75 -21.76 -3.64
C GLY A 134 31.12 -20.51 -3.07
N ILE A 135 30.05 -20.68 -2.32
CA ILE A 135 29.28 -19.57 -1.81
C ILE A 135 29.23 -19.60 -0.29
N LYS A 136 29.84 -18.60 0.33
CA LYS A 136 29.78 -18.45 1.77
C LYS A 136 28.39 -17.98 2.18
N PRO A 137 27.73 -18.75 3.05
CA PRO A 137 26.39 -18.34 3.51
C PRO A 137 26.45 -17.21 4.53
N VAL A 138 26.83 -16.02 4.09
CA VAL A 138 26.96 -14.88 5.00
C VAL A 138 25.62 -14.16 5.18
N VAL A 139 25.13 -14.17 6.41
CA VAL A 139 23.88 -13.50 6.74
C VAL A 139 24.13 -12.06 7.20
N SER A 140 23.73 -11.10 6.38
CA SER A 140 23.94 -9.70 6.70
C SER A 140 22.88 -8.83 6.06
N THR A 141 22.68 -7.64 6.63
CA THR A 141 21.74 -6.67 6.10
C THR A 141 22.46 -5.42 5.59
N GLN A 142 21.81 -4.72 4.68
CA GLN A 142 22.33 -3.48 4.10
C GLN A 142 23.52 -3.70 3.17
N LEU A 143 24.55 -4.37 3.66
CA LEU A 143 25.75 -4.61 2.88
C LEU A 143 25.93 -6.09 2.65
N LEU A 144 26.35 -6.46 1.45
CA LEU A 144 26.67 -7.86 1.14
C LEU A 144 28.17 -8.07 1.28
N LEU A 145 28.55 -9.07 2.05
CA LEU A 145 29.94 -9.28 2.43
C LEU A 145 30.53 -10.57 1.85
N ASN A 146 31.84 -10.54 1.61
CA ASN A 146 32.59 -11.73 1.21
C ASN A 146 31.96 -12.44 0.03
N GLY A 147 31.19 -11.71 -0.77
CA GLY A 147 30.53 -12.30 -1.92
C GLY A 147 31.47 -12.27 -3.10
N SER A 148 30.94 -12.50 -4.28
CA SER A 148 31.73 -12.41 -5.50
C SER A 148 31.44 -11.07 -6.17
N LEU A 149 32.32 -10.64 -7.06
CA LEU A 149 32.20 -9.32 -7.67
C LEU A 149 31.69 -9.40 -9.10
N ALA A 150 30.91 -8.40 -9.51
CA ALA A 150 30.49 -8.28 -10.91
C ALA A 150 31.72 -8.29 -11.80
N GLU A 151 31.55 -8.74 -13.04
CA GLU A 151 32.70 -8.96 -13.93
C GLU A 151 33.24 -7.67 -14.53
N GLU A 152 32.37 -6.87 -15.13
CA GLU A 152 32.78 -5.63 -15.77
C GLU A 152 32.28 -4.40 -15.02
N GLU A 153 31.03 -4.02 -15.29
CA GLU A 153 30.45 -2.83 -14.69
C GLU A 153 29.69 -3.19 -13.43
N ILE A 154 29.50 -2.21 -12.55
CA ILE A 154 28.58 -2.36 -11.43
C ILE A 154 27.22 -2.71 -12.02
N ILE A 155 26.55 -3.69 -11.42
CA ILE A 155 25.27 -4.14 -11.96
C ILE A 155 24.13 -3.92 -10.97
N ILE A 156 23.01 -3.44 -11.50
CA ILE A 156 21.82 -3.24 -10.70
C ILE A 156 20.85 -4.38 -10.96
N ARG A 157 20.37 -5.01 -9.91
CA ARG A 157 19.40 -6.09 -10.05
C ARG A 157 18.15 -5.81 -9.27
N SER A 158 17.00 -5.93 -9.93
CA SER A 158 15.73 -5.93 -9.24
C SER A 158 14.74 -6.72 -10.05
N GLU A 159 13.80 -7.35 -9.37
CA GLU A 159 12.70 -8.03 -10.05
C GLU A 159 11.93 -6.97 -10.84
N ASN A 160 11.82 -5.79 -10.25
CA ASN A 160 11.23 -4.64 -10.93
C ASN A 160 11.74 -3.35 -10.33
N ILE A 161 12.62 -2.70 -11.09
CA ILE A 161 13.32 -1.52 -10.63
C ILE A 161 12.35 -0.37 -10.32
N SER A 162 11.21 -0.35 -11.01
CA SER A 162 10.22 0.69 -10.80
C SER A 162 9.19 0.30 -9.73
N ASP A 163 9.35 -0.87 -9.14
CA ASP A 163 8.47 -1.33 -8.08
C ASP A 163 9.11 -1.11 -6.70
N ASN A 164 8.66 -0.09 -5.99
CA ASN A 164 9.29 0.29 -4.72
C ASN A 164 9.22 -0.80 -3.64
N ALA A 165 8.41 -1.83 -3.86
CA ALA A 165 8.37 -2.92 -2.89
C ALA A 165 9.50 -3.92 -3.15
N LYS A 166 10.19 -3.75 -4.28
CA LYS A 166 11.24 -4.67 -4.67
C LYS A 166 12.61 -4.21 -4.16
N THR A 167 13.31 -5.11 -3.48
CA THR A 167 14.68 -4.87 -3.06
C THR A 167 15.59 -4.76 -4.26
N ILE A 168 16.56 -3.87 -4.18
CA ILE A 168 17.51 -3.64 -5.27
C ILE A 168 18.90 -4.08 -4.86
N ILE A 169 19.38 -5.16 -5.46
CA ILE A 169 20.73 -5.61 -5.20
C ILE A 169 21.68 -4.84 -6.11
N VAL A 170 22.68 -4.21 -5.50
CA VAL A 170 23.74 -3.55 -6.27
C VAL A 170 24.98 -4.44 -6.22
N HIS A 171 25.51 -4.74 -7.40
CA HIS A 171 26.64 -5.66 -7.49
C HIS A 171 27.88 -4.90 -7.89
N LEU A 172 28.83 -4.82 -6.97
CA LEU A 172 30.05 -4.06 -7.18
C LEU A 172 31.03 -4.82 -8.08
N ASN A 173 31.81 -4.08 -8.85
CA ASN A 173 32.86 -4.68 -9.65
C ASN A 173 34.22 -4.51 -8.98
N LYS A 174 34.20 -3.98 -7.77
CA LYS A 174 35.41 -3.81 -6.97
C LYS A 174 34.98 -3.78 -5.51
N SER A 175 35.70 -4.53 -4.67
CA SER A 175 35.30 -4.69 -3.29
C SER A 175 35.86 -3.56 -2.44
N VAL A 176 35.12 -3.19 -1.40
CA VAL A 176 35.61 -2.25 -0.41
C VAL A 176 35.70 -2.95 0.93
N GLU A 177 36.87 -2.94 1.52
CA GLU A 177 37.09 -3.59 2.80
C GLU A 177 36.36 -2.86 3.92
N ILE A 178 35.72 -3.63 4.80
CA ILE A 178 35.16 -3.09 6.03
C ILE A 178 35.76 -3.81 7.23
N ASN A 179 36.42 -3.06 8.11
CA ASN A 179 37.19 -3.66 9.19
C ASN A 179 36.54 -3.36 10.54
N CYS A 180 35.77 -4.32 11.04
CA CYS A 180 35.05 -4.13 12.30
C CYS A 180 35.80 -4.73 13.48
N THR A 181 35.77 -4.03 14.61
CA THR A 181 36.55 -4.41 15.76
C THR A 181 35.89 -4.01 17.07
N ARG A 182 35.83 -4.95 18.00
CA ARG A 182 35.54 -4.64 19.40
C ARG A 182 36.84 -4.79 20.17
N PRO A 183 37.49 -3.67 20.52
CA PRO A 183 38.85 -3.75 21.05
C PRO A 183 38.91 -4.45 22.40
N SER A 184 40.10 -4.86 22.80
CA SER A 184 40.30 -5.56 24.06
C SER A 184 40.41 -4.56 25.21
N ASN A 185 40.83 -5.04 26.38
CA ASN A 185 41.03 -4.17 27.54
C ASN A 185 42.50 -4.04 27.93
N GLY A 192 36.04 1.09 28.60
CA GLY A 192 34.90 1.20 27.70
C GLY A 192 33.99 0.00 27.78
N ASP A 193 32.73 0.18 27.38
CA ASP A 193 31.75 -0.90 27.40
C ASP A 193 32.20 -2.02 26.47
N ILE A 194 32.04 -3.26 26.93
CA ILE A 194 32.46 -4.43 26.16
C ILE A 194 31.63 -4.63 24.89
N ARG A 195 30.45 -4.01 24.87
CA ARG A 195 29.55 -4.11 23.72
C ARG A 195 29.90 -3.13 22.62
N LYS A 196 30.70 -2.11 22.94
CA LYS A 196 30.98 -1.06 21.98
C LYS A 196 32.03 -1.51 20.98
N ALA A 197 31.70 -1.40 19.71
CA ALA A 197 32.63 -1.73 18.65
C ALA A 197 32.59 -0.65 17.60
N TYR A 198 33.49 -0.72 16.63
CA TYR A 198 33.43 0.17 15.50
C TYR A 198 33.86 -0.53 14.22
N CYS A 199 33.38 -0.01 13.10
CA CYS A 199 33.73 -0.56 11.80
C CYS A 199 34.41 0.57 11.01
N GLU A 200 35.65 0.35 10.59
CA GLU A 200 36.40 1.38 9.86
C GLU A 200 36.39 1.10 8.37
N ILE A 201 36.23 2.13 7.56
CA ILE A 201 36.17 1.96 6.11
C ILE A 201 36.92 3.07 5.41
N ASN A 202 37.79 2.71 4.48
CA ASN A 202 38.51 3.72 3.72
C ASN A 202 37.55 4.61 2.94
N GLY A 203 37.38 5.84 3.39
CA GLY A 203 36.38 6.72 2.83
C GLY A 203 36.65 7.08 1.39
N THR A 204 37.91 7.18 1.02
CA THR A 204 38.27 7.53 -0.35
C THR A 204 37.75 6.48 -1.33
N LYS A 205 38.14 5.24 -1.13
CA LYS A 205 37.74 4.14 -2.01
C LYS A 205 36.22 4.04 -2.02
N TRP A 206 35.62 4.15 -0.84
CA TRP A 206 34.19 3.94 -0.71
C TRP A 206 33.37 4.95 -1.47
N ASN A 207 33.76 6.22 -1.39
CA ASN A 207 32.99 7.27 -2.03
C ASN A 207 33.16 7.27 -3.55
N LYS A 208 34.30 6.77 -4.01
CA LYS A 208 34.51 6.60 -5.44
C LYS A 208 33.54 5.55 -5.97
N VAL A 209 33.41 4.46 -5.23
CA VAL A 209 32.51 3.38 -5.60
C VAL A 209 31.06 3.85 -5.52
N LEU A 210 30.71 4.41 -4.37
CA LEU A 210 29.35 4.85 -4.13
C LEU A 210 28.93 5.91 -5.15
N LYS A 211 29.91 6.63 -5.68
CA LYS A 211 29.64 7.59 -6.75
C LYS A 211 29.27 6.82 -8.02
N GLN A 212 30.12 5.87 -8.40
CA GLN A 212 29.89 5.09 -9.60
C GLN A 212 28.56 4.35 -9.53
N VAL A 213 28.13 4.04 -8.32
CA VAL A 213 26.83 3.41 -8.11
C VAL A 213 25.70 4.35 -8.48
N THR A 214 25.74 5.57 -7.94
CA THR A 214 24.68 6.53 -8.22
C THR A 214 24.63 6.74 -9.73
N GLU A 215 25.79 6.78 -10.35
CA GLU A 215 25.87 7.00 -11.78
C GLU A 215 25.19 5.87 -12.55
N LYS A 216 25.23 4.66 -11.99
CA LYS A 216 24.60 3.51 -12.62
C LYS A 216 23.10 3.49 -12.35
N LEU A 217 22.70 3.96 -11.18
CA LEU A 217 21.29 4.08 -10.86
C LEU A 217 20.65 5.17 -11.72
N LYS A 218 21.42 6.19 -12.04
CA LYS A 218 20.94 7.25 -12.92
C LYS A 218 20.43 6.67 -14.23
N GLU A 219 21.06 5.58 -14.67
CA GLU A 219 20.71 4.98 -15.96
C GLU A 219 19.32 4.38 -15.96
N HIS A 220 18.82 4.01 -14.79
CA HIS A 220 17.53 3.32 -14.69
C HIS A 220 16.38 4.26 -14.35
N PHE A 221 16.70 5.51 -14.04
CA PHE A 221 15.66 6.48 -13.68
C PHE A 221 15.82 7.76 -14.48
N ASN A 222 15.35 7.72 -15.73
CA ASN A 222 15.65 8.80 -16.66
C ASN A 222 17.01 9.33 -16.29
N ASN A 223 17.05 10.48 -15.62
CA ASN A 223 18.32 11.06 -15.20
C ASN A 223 18.17 11.90 -13.95
N LYS A 224 17.25 11.49 -13.07
CA LYS A 224 16.98 12.23 -11.85
C LYS A 224 18.17 12.09 -10.92
N THR A 225 18.49 13.15 -10.20
CA THR A 225 19.61 13.11 -9.26
C THR A 225 19.32 12.06 -8.21
N ILE A 226 20.34 11.28 -7.87
CA ILE A 226 20.19 10.20 -6.91
C ILE A 226 20.59 10.67 -5.51
N ILE A 227 19.83 10.23 -4.52
CA ILE A 227 20.08 10.65 -3.15
C ILE A 227 19.92 9.45 -2.22
N PHE A 228 20.78 9.38 -1.22
CA PHE A 228 20.69 8.32 -0.21
C PHE A 228 20.20 8.90 1.09
N GLN A 229 19.53 8.08 1.89
CA GLN A 229 19.08 8.48 3.21
C GLN A 229 19.14 7.28 4.13
N PRO A 230 19.20 7.53 5.44
CA PRO A 230 19.10 6.41 6.39
C PRO A 230 17.74 5.73 6.27
N PRO A 231 17.65 4.46 6.69
CA PRO A 231 16.40 3.72 6.65
C PRO A 231 15.28 4.49 7.33
N SER A 232 14.08 4.47 6.75
CA SER A 232 12.97 5.21 7.32
C SER A 232 12.43 4.52 8.57
N GLY A 233 12.77 3.26 8.75
CA GLY A 233 12.32 2.55 9.95
C GLY A 233 12.53 1.05 9.91
N GLY A 234 12.07 0.37 10.95
CA GLY A 234 12.22 -1.06 11.02
C GLY A 234 13.08 -1.49 12.20
N ASP A 235 13.10 -2.79 12.46
CA ASP A 235 13.91 -3.37 13.51
C ASP A 235 15.38 -3.02 13.26
N LEU A 236 16.19 -3.13 14.31
CA LEU A 236 17.61 -2.76 14.23
C LEU A 236 18.39 -3.61 13.23
N GLU A 237 18.01 -4.87 13.07
CA GLU A 237 18.69 -5.74 12.12
C GLU A 237 18.60 -5.16 10.72
N ILE A 238 17.57 -4.35 10.48
CA ILE A 238 17.31 -3.72 9.19
C ILE A 238 17.89 -2.31 9.11
N THR A 239 17.64 -1.53 10.14
CA THR A 239 18.05 -0.12 10.14
C THR A 239 19.54 0.03 10.37
N MET A 240 20.20 -1.04 10.81
CA MET A 240 21.64 -1.05 10.97
C MET A 240 22.24 -2.10 10.04
N HIS A 241 23.53 -1.99 9.77
CA HIS A 241 24.22 -3.04 9.03
C HIS A 241 24.48 -4.16 10.02
N HIS A 242 23.79 -5.27 9.83
CA HIS A 242 23.75 -6.33 10.82
C HIS A 242 24.48 -7.56 10.34
N PHE A 243 25.22 -8.20 11.24
CA PHE A 243 25.99 -9.37 10.86
C PHE A 243 26.62 -10.06 12.07
N ASN A 244 27.18 -11.23 11.83
CA ASN A 244 27.78 -12.01 12.89
C ASN A 244 29.28 -12.12 12.66
N CYS A 245 30.04 -11.95 13.75
CA CYS A 245 31.48 -11.98 13.68
C CYS A 245 32.00 -12.82 14.85
N ARG A 246 32.75 -13.88 14.54
CA ARG A 246 33.23 -14.78 15.57
C ARG A 246 32.10 -15.20 16.50
N GLY A 247 30.87 -15.22 15.97
CA GLY A 247 29.75 -15.68 16.75
C GLY A 247 29.00 -14.58 17.49
N GLU A 248 29.48 -13.34 17.36
CA GLU A 248 28.84 -12.19 17.99
C GLU A 248 28.02 -11.42 16.97
N PHE A 249 26.88 -10.88 17.41
CA PHE A 249 25.98 -10.12 16.53
C PHE A 249 26.27 -8.62 16.53
N PHE A 250 26.81 -8.15 15.42
CA PHE A 250 27.15 -6.75 15.27
C PHE A 250 26.01 -5.97 14.66
N TYR A 251 25.92 -4.71 15.05
CA TYR A 251 24.97 -3.76 14.48
C TYR A 251 25.71 -2.44 14.29
N CYS A 252 26.04 -2.11 13.05
CA CYS A 252 26.81 -0.90 12.77
C CYS A 252 25.92 0.19 12.16
N ASN A 253 26.04 1.39 12.68
CA ASN A 253 25.31 2.53 12.17
C ASN A 253 25.92 2.98 10.85
N THR A 254 25.15 2.92 9.77
CA THR A 254 25.71 3.18 8.44
C THR A 254 25.41 4.59 7.93
N THR A 255 24.86 5.44 8.79
CA THR A 255 24.55 6.81 8.37
C THR A 255 25.71 7.42 7.61
N GLN A 256 26.90 7.35 8.19
CA GLN A 256 28.06 8.01 7.62
C GLN A 256 28.50 7.37 6.31
N LEU A 257 28.00 6.18 6.03
CA LEU A 257 28.37 5.48 4.81
C LEU A 257 27.65 6.02 3.58
N PHE A 258 26.49 6.62 3.80
CA PHE A 258 25.69 7.12 2.70
C PHE A 258 25.56 8.65 2.77
N ASN A 259 26.71 9.31 2.71
CA ASN A 259 26.77 10.77 2.78
C ASN A 259 26.80 11.36 1.38
N ASN A 260 25.72 12.02 1.01
CA ASN A 260 25.57 12.56 -0.34
C ASN A 260 26.57 13.66 -0.66
N THR A 261 26.98 14.39 0.37
CA THR A 261 27.91 15.49 0.19
C THR A 261 29.21 15.01 -0.45
N CYS A 262 29.61 13.80 -0.10
CA CYS A 262 30.84 13.21 -0.65
C CYS A 262 30.62 12.76 -2.08
N ILE A 263 30.35 13.72 -2.97
CA ILE A 263 30.15 13.43 -4.38
C ILE A 263 30.57 14.64 -5.22
N MET A 268 33.27 17.98 -0.67
CA MET A 268 34.58 17.55 -1.14
C MET A 268 35.56 17.40 0.01
N LYS A 269 35.49 18.34 0.96
CA LYS A 269 36.47 18.41 2.03
C LYS A 269 36.11 17.47 3.18
N GLY A 270 37.08 16.67 3.62
CA GLY A 270 36.87 15.76 4.73
C GLY A 270 36.24 14.45 4.33
N CYS A 271 35.63 14.41 3.14
CA CYS A 271 34.92 13.23 2.68
C CYS A 271 35.88 12.07 2.43
N ASN A 272 37.06 12.37 1.91
CA ASN A 272 38.13 11.37 1.85
C ASN A 272 38.48 10.97 3.28
N GLY A 273 39.45 10.08 3.44
CA GLY A 273 39.88 9.70 4.77
C GLY A 273 39.00 8.62 5.38
N THR A 274 39.52 7.99 6.44
CA THR A 274 38.84 6.86 7.06
C THR A 274 37.51 7.20 7.74
N ILE A 275 36.49 6.42 7.41
CA ILE A 275 35.16 6.57 7.98
C ILE A 275 34.96 5.54 9.08
N THR A 276 34.77 5.99 10.31
CA THR A 276 34.55 5.08 11.43
C THR A 276 33.06 4.99 11.75
N LEU A 277 32.53 3.77 11.74
CA LEU A 277 31.12 3.56 12.04
C LEU A 277 30.95 3.03 13.46
N PRO A 278 30.08 3.67 14.24
CA PRO A 278 29.83 3.17 15.59
C PRO A 278 29.03 1.88 15.54
N CYS A 279 29.56 0.82 16.17
CA CYS A 279 28.91 -0.49 16.16
C CYS A 279 28.63 -0.97 17.58
N LYS A 280 27.59 -1.78 17.71
CA LYS A 280 27.14 -2.31 18.98
C LYS A 280 27.04 -3.83 18.86
N ILE A 281 27.54 -4.56 19.85
CA ILE A 281 27.33 -6.01 19.91
C ILE A 281 26.15 -6.29 20.82
N LYS A 282 25.13 -6.95 20.30
CA LYS A 282 23.91 -7.15 21.06
C LYS A 282 23.75 -8.57 21.53
N GLN A 283 23.17 -8.73 22.71
CA GLN A 283 22.92 -10.02 23.31
C GLN A 283 21.49 -10.46 22.98
N ILE A 284 20.60 -9.48 22.91
CA ILE A 284 19.21 -9.73 22.54
C ILE A 284 18.98 -9.37 21.08
N ILE A 285 18.69 -10.38 20.25
CA ILE A 285 18.52 -10.17 18.82
C ILE A 285 17.21 -10.71 18.27
N ASN A 286 16.80 -10.19 17.11
CA ASN A 286 15.71 -10.81 16.37
C ASN A 286 16.27 -11.85 15.42
N MET A 287 15.69 -13.04 15.47
CA MET A 287 16.14 -14.14 14.64
C MET A 287 15.68 -13.97 13.19
N TRP A 288 16.63 -13.91 12.26
CA TRP A 288 16.33 -13.81 10.85
C TRP A 288 15.62 -15.06 10.30
N GLN A 289 15.88 -16.22 10.92
CA GLN A 289 15.29 -17.47 10.42
C GLN A 289 13.76 -17.43 10.46
N GLY A 290 13.22 -16.64 11.37
CA GLY A 290 11.78 -16.53 11.51
C GLY A 290 11.34 -16.31 12.95
N THR A 291 10.26 -15.55 13.09
CA THR A 291 9.61 -15.25 14.38
C THR A 291 10.38 -15.59 15.65
N GLY A 292 10.64 -14.56 16.46
CA GLY A 292 11.13 -14.77 17.79
C GLY A 292 12.40 -14.01 18.11
N GLN A 293 12.76 -14.03 19.38
CA GLN A 293 13.96 -13.37 19.85
C GLN A 293 14.86 -14.42 20.44
N ALA A 294 16.16 -14.15 20.42
CA ALA A 294 17.14 -15.01 21.04
C ALA A 294 18.03 -14.16 21.91
N MET A 295 18.42 -14.71 23.06
CA MET A 295 19.37 -14.05 23.93
C MET A 295 20.64 -14.86 24.03
N TYR A 296 21.76 -14.19 23.80
CA TYR A 296 23.07 -14.80 23.89
C TYR A 296 23.83 -14.22 25.06
N ALA A 297 24.90 -14.91 25.45
CA ALA A 297 25.77 -14.44 26.52
C ALA A 297 26.58 -13.26 26.01
N PRO A 298 27.14 -12.47 26.94
CA PRO A 298 28.00 -11.34 26.57
C PRO A 298 29.22 -11.79 25.77
N PRO A 299 29.85 -10.86 25.03
CA PRO A 299 30.95 -11.13 24.12
C PRO A 299 32.10 -11.87 24.77
N ILE A 300 32.86 -12.62 23.98
CA ILE A 300 34.13 -13.17 24.43
C ILE A 300 35.11 -12.05 24.75
N ASP A 301 36.20 -12.38 25.44
CA ASP A 301 37.22 -11.41 25.78
C ASP A 301 38.18 -11.21 24.62
N GLY A 302 39.02 -10.19 24.73
CA GLY A 302 40.06 -9.95 23.74
C GLY A 302 39.57 -9.20 22.53
N LYS A 303 40.49 -8.91 21.62
CA LYS A 303 40.15 -8.23 20.38
C LYS A 303 39.19 -9.09 19.59
N ILE A 304 38.05 -8.54 19.22
CA ILE A 304 37.13 -9.22 18.32
C ILE A 304 37.16 -8.50 16.99
N ASN A 305 37.56 -9.19 15.94
CA ASN A 305 37.83 -8.53 14.68
C ASN A 305 37.36 -9.32 13.44
N CYS A 306 36.69 -8.62 12.53
CA CYS A 306 36.24 -9.19 11.27
C CYS A 306 36.54 -8.23 10.13
N VAL A 307 37.48 -8.59 9.28
CA VAL A 307 37.72 -7.83 8.06
C VAL A 307 36.96 -8.49 6.93
N SER A 308 36.03 -7.76 6.33
CA SER A 308 35.18 -8.31 5.28
C SER A 308 35.31 -7.50 4.00
N ASN A 309 34.91 -8.09 2.89
CA ASN A 309 34.83 -7.38 1.62
C ASN A 309 33.38 -6.98 1.37
N ILE A 310 33.14 -5.70 1.16
CA ILE A 310 31.82 -5.29 0.67
C ILE A 310 31.79 -5.53 -0.83
N THR A 311 30.86 -6.37 -1.24
CA THR A 311 30.74 -6.74 -2.64
C THR A 311 29.38 -6.36 -3.20
N GLY A 312 28.45 -6.02 -2.31
CA GLY A 312 27.13 -5.60 -2.74
C GLY A 312 26.42 -4.73 -1.73
N ILE A 313 25.37 -4.06 -2.20
CA ILE A 313 24.50 -3.29 -1.33
C ILE A 313 23.05 -3.62 -1.64
N LEU A 314 22.24 -3.66 -0.60
CA LEU A 314 20.81 -3.85 -0.75
C LEU A 314 20.11 -2.51 -0.53
N LEU A 315 19.37 -2.06 -1.52
CA LEU A 315 18.71 -0.77 -1.42
C LEU A 315 17.20 -0.88 -1.47
N THR A 316 16.54 0.14 -0.97
CA THR A 316 15.11 0.29 -1.12
C THR A 316 14.89 1.69 -1.66
N ARG A 317 14.05 1.81 -2.68
CA ARG A 317 13.75 3.11 -3.26
C ARG A 317 12.46 3.66 -2.68
N ASP A 318 12.45 4.97 -2.47
CA ASP A 318 11.32 5.64 -1.85
C ASP A 318 10.13 5.68 -2.78
N GLY A 319 8.96 5.38 -2.22
CA GLY A 319 7.75 5.24 -3.01
C GLY A 319 7.04 6.55 -3.20
N GLY A 320 6.03 6.52 -4.05
CA GLY A 320 5.24 7.69 -4.32
C GLY A 320 5.41 8.25 -5.72
N ASN A 321 4.49 7.88 -6.60
CA ASN A 321 4.28 8.67 -7.80
C ASN A 321 2.82 9.08 -7.84
N THR A 322 2.56 10.34 -7.51
CA THR A 322 1.20 10.85 -7.47
C THR A 322 1.13 12.12 -8.31
N GLY A 323 2.03 13.06 -8.04
CA GLY A 323 2.15 14.22 -8.88
C GLY A 323 2.71 13.65 -10.17
N ASN A 324 1.89 13.63 -11.22
CA ASN A 324 2.28 12.98 -12.45
C ASN A 324 3.70 13.38 -12.82
N ASN A 325 4.00 14.66 -12.67
CA ASN A 325 5.36 15.17 -12.81
C ASN A 325 6.17 14.96 -11.53
N SER A 326 5.57 15.32 -10.40
CA SER A 326 6.16 15.12 -9.08
C SER A 326 7.61 15.59 -8.91
N ARG A 327 8.52 14.64 -8.68
CA ARG A 327 9.81 14.92 -8.05
C ARG A 327 10.98 14.86 -9.03
N THR A 328 12.08 15.54 -8.69
CA THR A 328 13.23 15.63 -9.58
C THR A 328 14.37 14.71 -9.18
N ASN A 329 14.22 14.01 -8.06
CA ASN A 329 15.25 13.11 -7.58
C ASN A 329 14.67 11.82 -7.05
N GLU A 330 15.48 10.76 -7.02
CA GLU A 330 15.08 9.52 -6.39
C GLU A 330 15.85 9.33 -5.10
N THR A 331 15.21 8.71 -4.12
CA THR A 331 15.82 8.50 -2.82
C THR A 331 15.91 7.00 -2.54
N PHE A 332 17.10 6.55 -2.14
CA PHE A 332 17.32 5.14 -1.84
C PHE A 332 17.82 4.99 -0.41
N ARG A 333 17.38 3.92 0.25
CA ARG A 333 17.79 3.67 1.63
C ARG A 333 18.31 2.25 1.76
N PRO A 334 19.42 2.09 2.50
CA PRO A 334 19.97 0.74 2.67
C PRO A 334 18.91 -0.21 3.20
N GLY A 335 18.88 -1.42 2.66
CA GLY A 335 17.79 -2.34 2.93
C GLY A 335 18.27 -3.73 3.27
N GLY A 336 17.53 -4.72 2.79
CA GLY A 336 17.81 -6.10 3.13
C GLY A 336 16.80 -6.59 4.15
N GLY A 337 17.12 -7.68 4.83
CA GLY A 337 16.22 -8.22 5.83
C GLY A 337 15.57 -9.48 5.30
N ASN A 338 15.43 -9.56 3.98
CA ASN A 338 15.04 -10.82 3.34
C ASN A 338 16.29 -11.53 2.88
N ILE A 339 16.72 -12.51 3.67
CA ILE A 339 18.02 -13.12 3.45
C ILE A 339 18.08 -13.91 2.14
N LYS A 340 16.93 -14.28 1.58
CA LYS A 340 16.93 -14.91 0.26
C LYS A 340 17.65 -14.03 -0.74
N ASP A 341 17.53 -12.72 -0.57
CA ASP A 341 18.22 -11.79 -1.45
C ASP A 341 19.74 -11.96 -1.40
N ASN A 342 20.28 -12.38 -0.26
CA ASN A 342 21.72 -12.60 -0.14
C ASN A 342 22.14 -13.74 -1.05
N TRP A 343 21.31 -14.78 -1.09
CA TRP A 343 21.58 -15.94 -1.91
C TRP A 343 21.39 -15.62 -3.39
N ARG A 344 20.31 -14.92 -3.73
CA ARG A 344 20.09 -14.49 -5.12
C ARG A 344 21.29 -13.70 -5.60
N SER A 345 21.87 -12.92 -4.69
CA SER A 345 23.06 -12.13 -4.98
C SER A 345 24.17 -13.00 -5.59
N GLU A 346 24.19 -14.28 -5.24
CA GLU A 346 25.25 -15.17 -5.71
C GLU A 346 24.76 -16.23 -6.69
N LEU A 347 23.51 -16.68 -6.52
CA LEU A 347 22.98 -17.74 -7.36
C LEU A 347 22.36 -17.22 -8.65
N TYR A 348 22.49 -15.94 -8.92
CA TYR A 348 21.73 -15.31 -10.01
C TYR A 348 22.01 -15.93 -11.38
N LYS A 349 23.24 -16.38 -11.60
CA LYS A 349 23.62 -16.81 -12.94
C LYS A 349 23.41 -18.32 -13.16
N TYR A 350 22.69 -18.96 -12.26
CA TYR A 350 22.49 -20.39 -12.33
C TYR A 350 21.01 -20.75 -12.43
N LYS A 351 20.68 -21.72 -13.28
CA LYS A 351 19.37 -22.36 -13.19
C LYS A 351 19.49 -23.85 -13.46
N VAL A 352 18.63 -24.63 -12.81
CA VAL A 352 18.61 -26.07 -12.98
C VAL A 352 17.80 -26.42 -14.23
N VAL A 353 18.34 -27.30 -15.07
CA VAL A 353 17.59 -27.83 -16.20
C VAL A 353 17.64 -29.35 -16.20
N GLN A 354 16.51 -29.97 -16.57
CA GLN A 354 16.42 -31.41 -16.65
C GLN A 354 16.81 -31.87 -18.05
N ILE A 355 17.45 -33.03 -18.12
CA ILE A 355 17.79 -33.65 -19.40
C ILE A 355 16.86 -34.82 -19.68
N GLN B 1 -10.09 -13.34 0.67
CA GLN B 1 -11.27 -12.44 0.53
C GLN B 1 -11.67 -11.81 1.88
N VAL B 2 -11.00 -12.22 2.95
CA VAL B 2 -11.36 -11.75 4.29
C VAL B 2 -11.08 -10.26 4.46
N GLN B 3 -11.99 -9.59 5.14
CA GLN B 3 -11.83 -8.17 5.45
C GLN B 3 -10.92 -8.01 6.65
N LEU B 4 -9.95 -7.11 6.55
CA LEU B 4 -9.11 -6.77 7.69
C LEU B 4 -9.97 -5.90 8.61
N VAL B 5 -9.54 -5.75 9.86
CA VAL B 5 -10.34 -5.00 10.81
C VAL B 5 -9.58 -3.75 11.29
N GLN B 6 -10.16 -2.58 10.99
CA GLN B 6 -9.54 -1.32 11.35
C GLN B 6 -10.25 -0.66 12.53
N SER B 7 -9.53 0.23 13.21
CA SER B 7 -10.08 0.97 14.34
C SER B 7 -11.15 1.96 13.92
N GLY B 8 -11.87 2.51 14.90
CA GLY B 8 -13.03 3.34 14.64
C GLY B 8 -12.68 4.73 14.12
N ALA B 9 -13.69 5.40 13.56
CA ALA B 9 -13.52 6.74 13.01
C ALA B 9 -12.92 7.68 14.05
N ALA B 10 -12.16 8.66 13.59
CA ALA B 10 -11.44 9.58 14.47
C ALA B 10 -11.63 11.02 14.03
N VAL B 11 -11.68 11.93 15.00
CA VAL B 11 -11.72 13.36 14.73
C VAL B 11 -10.55 14.05 15.42
N ARG B 12 -9.93 15.00 14.71
CA ARG B 12 -8.71 15.62 15.18
C ARG B 12 -8.64 17.09 14.80
N LYS B 13 -8.07 17.90 15.70
CA LYS B 13 -7.76 19.28 15.41
C LYS B 13 -6.54 19.31 14.51
N PRO B 14 -6.44 20.33 13.64
CA PRO B 14 -5.20 20.45 12.87
C PRO B 14 -3.98 20.52 13.79
N GLY B 15 -2.83 20.04 13.34
CA GLY B 15 -1.64 20.03 14.18
C GLY B 15 -1.51 18.76 15.02
N ALA B 16 -2.64 18.14 15.35
CA ALA B 16 -2.63 16.94 16.17
C ALA B 16 -2.15 15.74 15.36
N SER B 17 -2.23 14.56 15.96
CA SER B 17 -1.92 13.32 15.24
C SER B 17 -2.97 12.25 15.55
N VAL B 18 -3.05 11.24 14.68
CA VAL B 18 -3.96 10.13 14.91
C VAL B 18 -3.24 8.82 14.60
N THR B 19 -3.69 7.74 15.23
CA THR B 19 -3.14 6.42 14.93
C THR B 19 -4.25 5.45 14.56
N VAL B 20 -4.19 4.94 13.33
CA VAL B 20 -5.14 3.94 12.88
C VAL B 20 -4.52 2.55 12.98
N SER B 21 -5.30 1.62 13.53
CA SER B 21 -4.85 0.25 13.70
C SER B 21 -5.56 -0.64 12.70
N CYS B 22 -4.88 -1.70 12.28
CA CYS B 22 -5.41 -2.58 11.27
C CYS B 22 -5.01 -4.02 11.60
N LYS B 23 -5.97 -4.81 12.09
CA LYS B 23 -5.72 -6.20 12.42
C LYS B 23 -5.83 -7.08 11.18
N PHE B 24 -4.71 -7.62 10.74
CA PHE B 24 -4.63 -8.32 9.45
C PHE B 24 -4.40 -9.82 9.58
N ALA B 25 -4.32 -10.32 10.81
CA ALA B 25 -4.17 -11.75 10.99
C ALA B 25 -4.47 -12.14 12.43
N GLU B 26 -4.81 -13.41 12.64
CA GLU B 26 -4.99 -13.93 13.99
C GLU B 26 -3.63 -14.30 14.57
N ASP B 27 -3.45 -14.02 15.86
CA ASP B 27 -2.24 -14.46 16.56
C ASP B 27 -2.45 -15.91 16.99
N ASP B 28 -1.94 -16.81 16.16
CA ASP B 28 -2.32 -18.23 16.13
C ASP B 28 -2.77 -18.58 14.70
N ASP B 29 -2.19 -17.91 13.71
CA ASP B 29 -2.54 -18.13 12.32
C ASP B 29 -3.98 -17.71 12.03
N ALA B 38 7.75 -18.61 1.67
CA ALA B 38 7.02 -17.43 1.20
C ALA B 38 7.12 -16.29 2.21
N PRO B 39 7.85 -15.22 1.85
CA PRO B 39 7.81 -14.08 2.77
C PRO B 39 6.41 -13.49 2.81
N GLU B 40 6.02 -13.01 3.98
CA GLU B 40 4.70 -12.45 4.15
C GLU B 40 4.57 -11.26 3.22
N HIS B 41 3.34 -10.96 2.80
CA HIS B 41 3.09 -9.73 2.06
C HIS B 41 3.08 -8.54 3.01
N PHE B 42 3.50 -7.38 2.50
CA PHE B 42 3.53 -6.18 3.33
C PHE B 42 2.12 -5.69 3.57
N ILE B 43 1.92 -4.91 4.63
CA ILE B 43 0.64 -4.26 4.84
C ILE B 43 0.70 -2.91 4.15
N HIS B 44 -0.28 -2.60 3.32
CA HIS B 44 -0.30 -1.29 2.68
C HIS B 44 -1.35 -0.41 3.30
N PHE B 45 -1.04 0.87 3.39
CA PHE B 45 -1.98 1.86 3.87
C PHE B 45 -2.27 2.86 2.76
N LEU B 46 -3.55 3.16 2.60
CA LEU B 46 -3.97 4.15 1.62
C LEU B 46 -5.07 4.97 2.25
N ARG B 47 -5.49 6.01 1.54
CA ARG B 47 -6.61 6.81 1.98
C ARG B 47 -7.30 7.36 0.77
N GLN B 48 -8.58 7.66 0.93
CA GLN B 48 -9.35 8.29 -0.11
C GLN B 48 -10.09 9.46 0.53
N ALA B 49 -9.82 10.65 0.04
CA ALA B 49 -10.52 11.84 0.49
C ALA B 49 -11.91 11.86 -0.14
N PRO B 50 -12.88 12.53 0.51
CA PRO B 50 -14.23 12.54 -0.07
C PRO B 50 -14.22 12.96 -1.54
N GLY B 51 -14.92 12.20 -2.37
CA GLY B 51 -14.97 12.48 -3.79
C GLY B 51 -13.59 12.69 -4.41
N GLN B 52 -12.69 11.75 -4.16
CA GLN B 52 -11.32 11.86 -4.65
C GLN B 52 -10.78 10.49 -4.99
N GLN B 53 -9.61 10.47 -5.61
CA GLN B 53 -8.98 9.21 -6.01
C GLN B 53 -8.12 8.66 -4.88
N LEU B 54 -8.11 7.34 -4.76
CA LEU B 54 -7.35 6.65 -3.72
C LEU B 54 -5.88 7.04 -3.76
N GLU B 55 -5.29 7.21 -2.57
CA GLU B 55 -3.92 7.69 -2.46
C GLU B 55 -3.09 6.72 -1.63
N TRP B 56 -2.06 6.15 -2.24
CA TRP B 56 -1.18 5.24 -1.52
C TRP B 56 -0.28 6.03 -0.59
N LEU B 57 -0.10 5.52 0.63
CA LEU B 57 0.68 6.21 1.65
C LEU B 57 1.96 5.48 1.97
N ALA B 58 1.88 4.16 2.11
CA ALA B 58 3.03 3.41 2.58
C ALA B 58 2.80 1.90 2.61
N TRP B 59 3.90 1.14 2.69
CA TRP B 59 3.80 -0.26 3.08
C TRP B 59 4.68 -0.56 4.28
N MET B 60 4.35 -1.64 4.97
CA MET B 60 5.06 -2.05 6.17
C MET B 60 5.20 -3.56 6.12
N ASN B 61 6.43 -4.03 6.31
CA ASN B 61 6.70 -5.44 6.33
C ASN B 61 6.58 -5.95 7.76
N PRO B 62 5.53 -6.73 8.04
CA PRO B 62 5.28 -7.13 9.43
C PRO B 62 6.38 -8.02 10.01
N THR B 63 7.23 -8.56 9.14
CA THR B 63 8.28 -9.48 9.59
C THR B 63 9.44 -8.77 10.29
N ASN B 64 9.80 -7.59 9.82
CA ASN B 64 10.94 -6.90 10.39
C ASN B 64 10.72 -5.40 10.51
N GLY B 65 9.48 -4.97 10.32
CA GLY B 65 9.10 -3.58 10.45
C GLY B 65 9.61 -2.68 9.34
N ALA B 66 10.24 -3.27 8.32
CA ALA B 66 10.69 -2.49 7.18
C ALA B 66 9.52 -1.67 6.64
N VAL B 67 9.81 -0.48 6.12
CA VAL B 67 8.76 0.42 5.69
C VAL B 67 9.12 1.18 4.43
N ASN B 68 8.11 1.68 3.75
CA ASN B 68 8.30 2.61 2.65
C ASN B 68 7.16 3.61 2.68
N TYR B 69 7.48 4.89 2.85
CA TYR B 69 6.49 5.95 2.94
C TYR B 69 6.49 6.77 1.66
N ALA B 70 5.30 7.17 1.22
CA ALA B 70 5.17 8.03 0.06
C ALA B 70 5.97 9.29 0.36
N TRP B 71 6.85 9.66 -0.58
CA TRP B 71 7.80 10.75 -0.33
C TRP B 71 7.15 12.09 0.02
N TYR B 72 6.04 12.40 -0.64
CA TYR B 72 5.41 13.72 -0.46
C TYR B 72 4.79 13.88 0.94
N LEU B 73 4.74 12.81 1.71
CA LEU B 73 4.18 12.89 3.05
C LEU B 73 5.18 13.50 4.03
N ASN B 74 6.41 13.68 3.59
CA ASN B 74 7.41 14.43 4.33
C ASN B 74 7.69 13.91 5.74
N GLY B 75 7.76 12.60 5.89
CA GLY B 75 8.10 11.99 7.16
C GLY B 75 7.02 12.16 8.21
N ARG B 76 5.82 12.51 7.77
CA ARG B 76 4.71 12.72 8.70
C ARG B 76 4.01 11.43 9.09
N VAL B 77 4.30 10.36 8.35
CA VAL B 77 3.60 9.09 8.53
C VAL B 77 4.51 7.99 9.06
N THR B 78 4.00 7.20 10.00
CA THR B 78 4.78 6.16 10.64
C THR B 78 3.97 4.87 10.82
N ALA B 79 4.51 3.76 10.34
CA ALA B 79 3.81 2.47 10.43
C ALA B 79 4.62 1.43 11.20
N THR B 80 3.93 0.69 12.07
CA THR B 80 4.55 -0.30 12.94
C THR B 80 3.61 -1.48 13.09
N ARG B 81 4.03 -2.50 13.85
CA ARG B 81 3.17 -3.64 14.13
C ARG B 81 3.37 -4.08 15.57
N ASP B 82 2.39 -4.76 16.15
CA ASP B 82 2.53 -5.23 17.52
C ASP B 82 3.52 -6.39 17.58
N ARG B 83 3.79 -6.87 18.79
CA ARG B 83 4.78 -7.90 19.01
C ARG B 83 4.41 -9.19 18.30
N SER B 84 3.11 -9.51 18.29
CA SER B 84 2.63 -10.74 17.67
C SER B 84 2.61 -10.61 16.15
N MET B 85 2.74 -9.40 15.63
CA MET B 85 2.77 -9.19 14.19
C MET B 85 1.43 -9.56 13.54
N THR B 86 0.34 -9.33 14.27
CA THR B 86 -0.99 -9.54 13.74
C THR B 86 -1.71 -8.23 13.46
N THR B 87 -1.18 -7.13 13.99
CA THR B 87 -1.81 -5.83 13.85
C THR B 87 -0.83 -4.75 13.44
N ALA B 88 -1.20 -3.98 12.42
CA ALA B 88 -0.38 -2.87 11.97
C ALA B 88 -0.98 -1.56 12.46
N PHE B 89 -0.13 -0.55 12.62
CA PHE B 89 -0.58 0.76 13.05
C PHE B 89 0.00 1.79 12.12
N LEU B 90 -0.85 2.73 11.71
CA LEU B 90 -0.42 3.88 10.92
C LEU B 90 -0.58 5.13 11.77
N GLU B 91 0.52 5.84 11.99
CA GLU B 91 0.46 7.11 12.68
C GLU B 91 0.64 8.27 11.71
N VAL B 92 -0.28 9.22 11.73
CA VAL B 92 -0.16 10.42 10.92
C VAL B 92 -0.05 11.62 11.84
N LYS B 93 1.08 12.33 11.74
CA LYS B 93 1.36 13.48 12.57
C LYS B 93 1.11 14.79 11.83
N SER B 94 1.04 15.89 12.58
CA SER B 94 0.83 17.23 12.03
C SER B 94 -0.36 17.28 11.09
N LEU B 95 -1.49 16.78 11.55
CA LEU B 95 -2.69 16.68 10.73
C LEU B 95 -3.15 18.03 10.19
N ARG B 96 -3.44 18.06 8.89
CA ARG B 96 -4.08 19.22 8.28
C ARG B 96 -5.47 18.82 7.81
N SER B 97 -6.32 19.81 7.54
CA SER B 97 -7.69 19.52 7.18
C SER B 97 -7.75 18.56 5.98
N ASP B 98 -6.84 18.74 5.02
CA ASP B 98 -6.84 17.91 3.82
C ASP B 98 -6.28 16.50 4.07
N ASP B 99 -6.00 16.18 5.33
CA ASP B 99 -5.73 14.81 5.72
C ASP B 99 -7.05 14.11 5.99
N THR B 100 -8.13 14.88 5.99
CA THR B 100 -9.46 14.32 6.13
C THR B 100 -9.71 13.33 5.00
N ALA B 101 -9.95 12.07 5.36
CA ALA B 101 -10.12 11.02 4.38
C ALA B 101 -10.52 9.74 5.09
N VAL B 102 -10.92 8.74 4.31
CA VAL B 102 -11.07 7.39 4.82
C VAL B 102 -9.74 6.70 4.61
N TYR B 103 -9.20 6.12 5.68
CA TYR B 103 -7.92 5.44 5.60
C TYR B 103 -8.13 3.92 5.54
N TYR B 104 -7.50 3.30 4.54
CA TYR B 104 -7.67 1.87 4.34
C TYR B 104 -6.37 1.14 4.62
N CYS B 105 -6.48 -0.07 5.14
CA CYS B 105 -5.36 -1.00 5.13
C CYS B 105 -5.70 -2.07 4.11
N ALA B 106 -4.69 -2.49 3.36
CA ALA B 106 -4.89 -3.43 2.28
C ALA B 106 -3.71 -4.39 2.25
N ARG B 107 -3.92 -5.58 1.69
CA ARG B 107 -2.85 -6.56 1.61
C ARG B 107 -3.15 -7.58 0.51
N ALA B 108 -2.10 -8.02 -0.17
CA ALA B 108 -2.24 -9.02 -1.21
C ALA B 108 -2.54 -10.37 -0.57
N GLN B 109 -3.21 -11.25 -1.32
CA GLN B 109 -3.52 -12.60 -0.85
C GLN B 109 -2.24 -13.42 -0.80
N LYS B 110 -2.15 -14.28 0.20
CA LYS B 110 -0.89 -14.91 0.58
C LYS B 110 -0.38 -15.91 -0.45
N ARG B 111 -1.28 -16.42 -1.27
CA ARG B 111 -0.91 -17.39 -2.29
C ARG B 111 -0.84 -16.71 -3.65
N GLY B 112 -0.39 -15.47 -3.66
CA GLY B 112 -0.25 -14.70 -4.88
C GLY B 112 1.10 -14.01 -4.92
N ARG B 113 1.56 -13.63 -6.11
CA ARG B 113 2.91 -13.09 -6.25
C ARG B 113 2.96 -11.58 -6.08
N SER B 114 2.07 -10.87 -6.77
CA SER B 114 2.12 -9.40 -6.74
C SER B 114 1.89 -8.88 -5.33
N GLU B 115 2.79 -8.01 -4.91
CA GLU B 115 2.67 -7.33 -3.64
C GLU B 115 1.57 -6.25 -3.71
N TRP B 116 1.18 -5.90 -4.94
CA TRP B 116 0.34 -4.73 -5.16
C TRP B 116 -1.12 -5.05 -5.48
N ALA B 117 -1.41 -6.31 -5.78
CA ALA B 117 -2.80 -6.72 -6.02
C ALA B 117 -3.51 -6.81 -4.68
N TYR B 118 -4.17 -5.73 -4.27
CA TYR B 118 -4.76 -5.68 -2.94
C TYR B 118 -6.03 -6.51 -2.89
N ALA B 119 -5.89 -7.76 -2.46
CA ALA B 119 -7.04 -8.65 -2.37
C ALA B 119 -7.81 -8.39 -1.08
N HIS B 120 -7.08 -8.14 0.01
CA HIS B 120 -7.71 -7.95 1.31
C HIS B 120 -7.79 -6.47 1.63
N TRP B 121 -8.93 -6.05 2.21
CA TRP B 121 -9.13 -4.66 2.58
C TRP B 121 -9.76 -4.56 3.95
N GLY B 122 -9.27 -3.63 4.76
CA GLY B 122 -9.97 -3.23 5.95
C GLY B 122 -11.23 -2.48 5.54
N GLN B 123 -12.19 -2.34 6.45
CA GLN B 123 -13.44 -1.66 6.15
C GLN B 123 -13.25 -0.14 6.06
N GLY B 124 -12.04 0.33 6.35
CA GLY B 124 -11.74 1.75 6.24
C GLY B 124 -11.96 2.50 7.53
N THR B 125 -11.15 3.51 7.77
CA THR B 125 -11.26 4.35 8.97
C THR B 125 -11.36 5.83 8.59
N PRO B 126 -12.56 6.41 8.75
CA PRO B 126 -12.76 7.85 8.53
C PRO B 126 -11.94 8.69 9.51
N VAL B 127 -11.10 9.56 8.97
CA VAL B 127 -10.36 10.52 9.78
C VAL B 127 -10.78 11.92 9.38
N VAL B 128 -11.34 12.65 10.35
CA VAL B 128 -11.78 14.01 10.10
C VAL B 128 -10.87 15.00 10.81
N VAL B 129 -10.22 15.87 10.03
CA VAL B 129 -9.39 16.92 10.59
C VAL B 129 -10.07 18.27 10.45
N SER B 130 -10.50 18.83 11.58
CA SER B 130 -11.21 20.08 11.58
C SER B 130 -11.07 20.75 12.94
N SER B 131 -11.24 22.06 12.97
CA SER B 131 -11.16 22.82 14.20
C SER B 131 -12.55 23.05 14.79
N ALA B 132 -13.57 22.60 14.09
CA ALA B 132 -14.95 22.68 14.60
C ALA B 132 -15.08 21.77 15.81
N SER B 133 -15.94 22.13 16.73
CA SER B 133 -16.16 21.33 17.93
C SER B 133 -17.33 20.38 17.72
N THR B 134 -17.41 19.36 18.56
CA THR B 134 -18.52 18.43 18.49
C THR B 134 -19.82 19.18 18.76
N LYS B 135 -20.85 18.83 18.01
CA LYS B 135 -22.11 19.55 18.07
C LYS B 135 -23.28 18.71 17.56
N GLY B 136 -24.35 18.67 18.35
CA GLY B 136 -25.57 17.99 17.94
C GLY B 136 -26.30 18.83 16.91
N PRO B 137 -27.10 18.17 16.05
CA PRO B 137 -27.83 18.89 15.01
C PRO B 137 -29.13 19.48 15.53
N SER B 138 -29.61 20.53 14.89
CA SER B 138 -31.00 20.91 15.04
C SER B 138 -31.75 20.29 13.88
N VAL B 139 -32.95 19.79 14.14
CA VAL B 139 -33.75 19.15 13.10
C VAL B 139 -35.03 19.92 12.82
N PHE B 140 -35.08 20.56 11.66
CA PHE B 140 -36.23 21.34 11.28
C PHE B 140 -37.10 20.54 10.33
N PRO B 141 -38.42 20.78 10.35
CA PRO B 141 -39.35 20.03 9.51
C PRO B 141 -39.35 20.54 8.07
N LEU B 142 -39.62 19.64 7.14
CA LEU B 142 -39.85 19.98 5.74
C LEU B 142 -41.29 19.59 5.44
N ALA B 143 -42.20 20.54 5.71
CA ALA B 143 -43.62 20.27 5.68
C ALA B 143 -44.14 20.08 4.26
N PRO B 144 -44.90 19.00 4.04
CA PRO B 144 -45.46 18.74 2.70
C PRO B 144 -46.41 19.84 2.27
N SER B 145 -46.31 20.27 1.01
CA SER B 145 -47.27 21.21 0.43
C SER B 145 -48.54 20.48 0.01
N GLY B 152 -52.25 13.80 -5.18
CA GLY B 152 -52.03 12.37 -5.30
C GLY B 152 -50.92 11.87 -4.40
N THR B 153 -49.78 12.58 -4.44
CA THR B 153 -48.61 12.19 -3.65
C THR B 153 -47.83 13.40 -3.17
N ALA B 154 -47.59 13.46 -1.87
CA ALA B 154 -46.89 14.60 -1.26
C ALA B 154 -45.54 14.17 -0.69
N ALA B 155 -44.58 15.08 -0.74
CA ALA B 155 -43.25 14.81 -0.19
C ALA B 155 -43.07 15.57 1.12
N LEU B 156 -42.40 14.94 2.08
CA LEU B 156 -42.11 15.57 3.36
C LEU B 156 -40.79 15.04 3.90
N GLY B 157 -40.11 15.84 4.73
CA GLY B 157 -38.81 15.44 5.22
C GLY B 157 -38.35 16.13 6.47
N CYS B 158 -37.07 15.97 6.77
CA CYS B 158 -36.43 16.62 7.90
C CYS B 158 -35.14 17.27 7.43
N LEU B 159 -34.89 18.48 7.90
CA LEU B 159 -33.62 19.14 7.64
C LEU B 159 -32.74 18.96 8.86
N VAL B 160 -31.67 18.19 8.71
CA VAL B 160 -30.76 17.90 9.80
C VAL B 160 -29.58 18.84 9.68
N LYS B 161 -29.57 19.84 10.54
CA LYS B 161 -28.78 21.05 10.34
C LYS B 161 -27.67 21.23 11.38
N ASP B 162 -26.49 21.59 10.90
CA ASP B 162 -25.39 22.03 11.76
C ASP B 162 -24.99 21.00 12.79
N TYR B 163 -24.40 19.90 12.35
CA TYR B 163 -23.81 18.97 13.29
C TYR B 163 -22.35 18.73 12.93
N PHE B 164 -21.61 18.24 13.91
CA PHE B 164 -20.24 17.82 13.70
C PHE B 164 -19.90 16.82 14.78
N PRO B 165 -19.15 15.76 14.42
CA PRO B 165 -18.75 15.41 13.06
C PRO B 165 -19.79 14.50 12.46
N GLU B 166 -19.58 14.06 11.22
CA GLU B 166 -20.36 12.96 10.69
C GLU B 166 -20.12 11.75 11.59
N PRO B 167 -21.03 10.76 11.55
CA PRO B 167 -22.26 10.77 10.77
C PRO B 167 -23.49 10.90 11.65
N VAL B 168 -24.63 11.20 11.02
CA VAL B 168 -25.93 11.04 11.66
C VAL B 168 -26.67 9.98 10.88
N THR B 169 -27.52 9.22 11.55
CA THR B 169 -28.36 8.24 10.89
C THR B 169 -29.82 8.69 11.00
N VAL B 170 -30.59 8.46 9.95
CA VAL B 170 -31.98 8.91 9.91
C VAL B 170 -32.95 7.78 9.61
N SER B 171 -33.90 7.58 10.53
CA SER B 171 -34.95 6.60 10.35
C SER B 171 -36.31 7.29 10.40
N TRP B 172 -37.29 6.71 9.72
CA TRP B 172 -38.64 7.25 9.72
C TRP B 172 -39.60 6.31 10.44
N ASN B 173 -40.29 6.84 11.44
CA ASN B 173 -41.22 6.06 12.25
C ASN B 173 -40.51 4.89 12.93
N SER B 174 -39.38 5.21 13.56
CA SER B 174 -38.58 4.20 14.25
C SER B 174 -38.30 3.00 13.35
N GLY B 175 -37.98 3.27 12.09
CA GLY B 175 -37.62 2.22 11.14
C GLY B 175 -38.80 1.69 10.35
N ALA B 176 -39.98 1.73 10.96
CA ALA B 176 -41.19 1.19 10.35
C ALA B 176 -41.20 1.28 8.82
N LEU B 177 -41.17 2.50 8.27
CA LEU B 177 -41.30 2.68 6.83
C LEU B 177 -40.00 3.11 6.17
N THR B 178 -39.66 2.43 5.08
CA THR B 178 -38.48 2.78 4.29
C THR B 178 -38.77 2.79 2.79
N SER B 179 -39.93 2.28 2.39
CA SER B 179 -40.26 2.08 0.99
C SER B 179 -39.98 3.31 0.14
N GLY B 180 -40.23 4.48 0.73
CA GLY B 180 -40.07 5.74 0.01
C GLY B 180 -39.30 6.76 0.82
N VAL B 181 -38.01 6.50 1.01
CA VAL B 181 -37.16 7.38 1.79
C VAL B 181 -35.87 7.66 1.03
N HIS B 182 -35.55 8.94 0.90
CA HIS B 182 -34.31 9.37 0.26
C HIS B 182 -33.50 10.18 1.23
N THR B 183 -32.63 9.52 2.00
CA THR B 183 -31.72 10.24 2.87
C THR B 183 -30.45 10.58 2.09
N PHE B 184 -30.21 11.87 1.89
CA PHE B 184 -29.11 12.33 1.05
C PHE B 184 -27.80 12.37 1.81
N PRO B 185 -26.67 12.28 1.09
CA PRO B 185 -25.38 12.41 1.76
C PRO B 185 -25.26 13.77 2.41
N ALA B 186 -24.60 13.83 3.57
CA ALA B 186 -24.36 15.08 4.24
C ALA B 186 -23.46 15.94 3.37
N VAL B 187 -23.61 17.26 3.48
CA VAL B 187 -22.75 18.20 2.80
C VAL B 187 -22.07 19.05 3.86
N LEU B 188 -20.83 19.46 3.59
CA LEU B 188 -20.09 20.30 4.52
C LEU B 188 -20.30 21.77 4.21
N GLN B 189 -20.87 22.51 5.16
CA GLN B 189 -21.10 23.94 4.98
C GLN B 189 -19.81 24.73 5.23
N SER B 190 -19.77 25.95 4.72
CA SER B 190 -18.64 26.85 4.94
C SER B 190 -18.40 27.06 6.43
N SER B 191 -19.42 26.85 7.24
CA SER B 191 -19.30 27.02 8.69
C SER B 191 -18.37 25.99 9.31
N GLY B 192 -18.14 24.89 8.59
CA GLY B 192 -17.37 23.78 9.12
C GLY B 192 -18.27 22.72 9.72
N LEU B 193 -19.57 22.99 9.71
CA LEU B 193 -20.56 22.05 10.20
C LEU B 193 -21.25 21.34 9.04
N TYR B 194 -21.86 20.19 9.33
CA TYR B 194 -22.53 19.41 8.29
C TYR B 194 -24.04 19.63 8.26
N SER B 195 -24.65 19.35 7.12
CA SER B 195 -26.10 19.26 6.98
C SER B 195 -26.49 18.12 6.06
N LEU B 196 -27.63 17.49 6.32
CA LEU B 196 -28.24 16.60 5.34
C LEU B 196 -29.74 16.70 5.43
N SER B 197 -30.42 16.30 4.36
CA SER B 197 -31.87 16.19 4.36
C SER B 197 -32.28 14.74 4.19
N SER B 198 -33.43 14.41 4.75
CA SER B 198 -34.07 13.12 4.53
C SER B 198 -35.53 13.36 4.17
N VAL B 199 -35.89 13.05 2.93
CA VAL B 199 -37.25 13.31 2.44
C VAL B 199 -38.03 12.01 2.24
N VAL B 200 -39.36 12.10 2.28
CA VAL B 200 -40.23 10.94 2.21
C VAL B 200 -41.41 11.18 1.29
N THR B 201 -41.62 10.25 0.36
CA THR B 201 -42.78 10.30 -0.54
C THR B 201 -43.96 9.57 0.08
N VAL B 202 -45.13 10.18 0.03
CA VAL B 202 -46.34 9.56 0.55
C VAL B 202 -47.57 10.10 -0.18
N PRO B 203 -48.61 9.25 -0.33
CA PRO B 203 -49.87 9.74 -0.90
C PRO B 203 -50.43 10.92 -0.11
N SER B 204 -51.34 11.68 -0.71
CA SER B 204 -51.89 12.86 -0.05
C SER B 204 -52.87 12.46 1.06
N SER B 205 -53.70 11.48 0.78
CA SER B 205 -54.72 11.03 1.73
C SER B 205 -54.16 10.82 3.13
N SER B 206 -52.93 10.32 3.20
CA SER B 206 -52.34 9.91 4.47
C SER B 206 -52.00 11.06 5.41
N LEU B 207 -51.82 12.26 4.84
CA LEU B 207 -51.29 13.39 5.59
C LEU B 207 -52.06 13.69 6.87
N GLY B 208 -53.33 13.30 6.93
CA GLY B 208 -54.16 13.60 8.08
C GLY B 208 -54.58 12.38 8.89
N THR B 209 -53.98 11.23 8.60
CA THR B 209 -54.32 10.00 9.29
C THR B 209 -53.15 9.41 10.07
N GLN B 210 -51.95 9.45 9.49
CA GLN B 210 -50.79 8.80 10.09
C GLN B 210 -49.70 9.79 10.45
N THR B 211 -49.18 9.66 11.67
CA THR B 211 -48.07 10.47 12.13
C THR B 211 -46.79 10.07 11.41
N TYR B 212 -45.96 11.05 11.09
CA TYR B 212 -44.66 10.80 10.49
C TYR B 212 -43.56 11.45 11.32
N ILE B 213 -42.82 10.65 12.07
CA ILE B 213 -41.72 11.14 12.86
C ILE B 213 -40.40 10.70 12.25
N CYS B 214 -39.50 11.65 12.01
CA CYS B 214 -38.15 11.28 11.58
C CYS B 214 -37.25 11.22 12.81
N ASN B 215 -36.64 10.05 13.00
CA ASN B 215 -35.75 9.83 14.13
C ASN B 215 -34.31 10.10 13.73
N VAL B 216 -33.69 11.05 14.42
CA VAL B 216 -32.34 11.47 14.10
C VAL B 216 -31.42 11.15 15.26
N ASN B 217 -30.32 10.47 14.97
CA ASN B 217 -29.32 10.15 15.99
C ASN B 217 -27.94 10.56 15.55
N HIS B 218 -27.30 11.39 16.37
CA HIS B 218 -25.93 11.82 16.15
C HIS B 218 -25.10 11.35 17.33
N LYS B 219 -24.57 10.13 17.21
CA LYS B 219 -23.89 9.46 18.31
C LYS B 219 -22.71 10.23 18.90
N PRO B 220 -21.90 10.88 18.05
CA PRO B 220 -20.74 11.62 18.55
C PRO B 220 -21.08 12.67 19.61
N SER B 221 -22.23 13.32 19.47
CA SER B 221 -22.67 14.29 20.46
C SER B 221 -23.67 13.64 21.41
N ASN B 222 -23.87 12.34 21.26
CA ASN B 222 -24.86 11.63 22.05
C ASN B 222 -26.20 12.34 21.97
N THR B 223 -26.62 12.70 20.76
CA THR B 223 -27.85 13.46 20.55
C THR B 223 -28.92 12.64 19.85
N LYS B 224 -30.05 12.45 20.54
CA LYS B 224 -31.21 11.80 19.96
C LYS B 224 -32.36 12.80 19.88
N VAL B 225 -33.13 12.74 18.80
CA VAL B 225 -34.28 13.62 18.61
C VAL B 225 -35.40 12.92 17.85
N ASP B 226 -36.65 13.25 18.18
CA ASP B 226 -37.81 12.69 17.48
C ASP B 226 -38.73 13.80 16.98
N LYS B 227 -38.53 14.22 15.74
CA LYS B 227 -39.27 15.33 15.16
C LYS B 227 -40.49 14.85 14.39
N LYS B 228 -41.66 15.33 14.81
CA LYS B 228 -42.91 15.02 14.12
C LYS B 228 -43.11 16.04 13.01
N VAL B 229 -43.27 15.54 11.78
CA VAL B 229 -43.49 16.41 10.64
C VAL B 229 -44.97 16.44 10.26
N GLU B 230 -45.61 17.59 10.46
CA GLU B 230 -47.02 17.76 10.14
C GLU B 230 -47.22 18.82 9.06
N PRO B 231 -48.38 18.79 8.37
CA PRO B 231 -48.71 19.83 7.40
C PRO B 231 -48.87 21.20 8.06
N ASP C 1 7.02 8.90 -12.34
CA ASP C 1 7.62 8.11 -13.46
C ASP C 1 6.53 7.63 -14.41
N ILE C 2 5.64 6.77 -13.92
CA ILE C 2 4.58 6.19 -14.75
C ILE C 2 3.30 7.02 -14.68
N GLN C 3 2.53 7.00 -15.77
CA GLN C 3 1.25 7.71 -15.83
C GLN C 3 0.17 6.82 -16.44
N MET C 4 -0.93 6.66 -15.72
CA MET C 4 -2.02 5.82 -16.20
C MET C 4 -3.18 6.70 -16.67
N THR C 5 -3.37 6.76 -17.98
CA THR C 5 -4.49 7.48 -18.55
C THR C 5 -5.67 6.54 -18.75
N GLN C 6 -6.65 6.63 -17.86
CA GLN C 6 -7.85 5.80 -17.95
C GLN C 6 -8.99 6.58 -18.58
N SER C 7 -9.86 5.88 -19.28
CA SER C 7 -11.00 6.49 -19.95
C SER C 7 -12.02 5.44 -20.35
N PRO C 8 -13.27 5.85 -20.57
CA PRO C 8 -13.71 7.25 -20.45
C PRO C 8 -13.88 7.69 -19.00
N SER C 9 -13.95 9.00 -18.78
CA SER C 9 -14.18 9.54 -17.45
C SER C 9 -15.47 8.99 -16.87
N SER C 10 -16.42 8.69 -17.75
CA SER C 10 -17.72 8.21 -17.33
C SER C 10 -18.43 7.55 -18.50
N LEU C 11 -19.40 6.68 -18.20
CA LEU C 11 -20.20 6.05 -19.25
C LEU C 11 -21.44 5.39 -18.67
N SER C 12 -22.48 5.25 -19.50
CA SER C 12 -23.72 4.60 -19.10
C SER C 12 -24.07 3.53 -20.10
N ALA C 13 -24.80 2.50 -19.66
CA ALA C 13 -25.13 1.38 -20.53
C ALA C 13 -26.30 0.56 -20.00
N SER C 14 -27.07 -0.03 -20.90
CA SER C 14 -28.26 -0.81 -20.56
C SER C 14 -27.90 -2.17 -19.98
N LEU C 15 -28.83 -2.76 -19.24
CA LEU C 15 -28.62 -4.09 -18.69
C LEU C 15 -28.22 -5.07 -19.79
N GLY C 16 -27.38 -6.02 -19.45
CA GLY C 16 -26.93 -7.03 -20.39
C GLY C 16 -26.05 -6.48 -21.50
N ASP C 17 -25.68 -5.21 -21.39
CA ASP C 17 -24.86 -4.56 -22.42
C ASP C 17 -23.37 -4.71 -22.13
N ARG C 18 -22.57 -4.69 -23.19
CA ARG C 18 -21.12 -4.81 -23.06
C ARG C 18 -20.49 -3.46 -22.74
N VAL C 19 -19.70 -3.44 -21.67
CA VAL C 19 -18.98 -2.23 -21.27
C VAL C 19 -17.49 -2.49 -21.24
N THR C 20 -16.73 -1.59 -21.85
CA THR C 20 -15.28 -1.72 -21.89
C THR C 20 -14.59 -0.41 -21.53
N ILE C 21 -13.90 -0.41 -20.40
CA ILE C 21 -13.06 0.72 -20.03
C ILE C 21 -11.62 0.33 -20.29
N THR C 22 -10.82 1.30 -20.71
CA THR C 22 -9.45 1.04 -21.10
C THR C 22 -8.47 1.86 -20.28
N CYS C 23 -7.26 1.33 -20.10
CA CYS C 23 -6.19 2.05 -19.43
C CYS C 23 -4.97 2.08 -20.34
N GLN C 24 -4.29 3.22 -20.36
CA GLN C 24 -3.06 3.36 -21.14
C GLN C 24 -1.92 3.80 -20.23
N ALA C 25 -0.70 3.39 -20.59
CA ALA C 25 0.48 3.67 -19.76
C ALA C 25 1.53 4.45 -20.56
N SER C 26 2.18 5.40 -19.91
CA SER C 26 3.21 6.19 -20.57
C SER C 26 4.43 5.35 -20.94
N ARG C 27 4.51 4.15 -20.35
CA ARG C 27 5.61 3.24 -20.62
C ARG C 27 5.07 1.81 -20.66
N GLY C 28 5.90 0.87 -21.11
CA GLY C 28 5.55 -0.53 -21.10
C GLY C 28 5.65 -1.10 -19.69
N ILE C 29 4.63 -1.83 -19.27
CA ILE C 29 4.56 -2.32 -17.90
C ILE C 29 4.22 -3.81 -17.82
N GLY C 30 4.35 -4.51 -18.94
CA GLY C 30 4.04 -5.92 -18.99
C GLY C 30 2.62 -6.19 -18.51
N LYS C 31 2.49 -7.05 -17.51
CA LYS C 31 1.17 -7.38 -16.97
C LYS C 31 0.94 -6.78 -15.58
N ASP C 32 1.78 -5.84 -15.18
CA ASP C 32 1.74 -5.31 -13.83
C ASP C 32 0.66 -4.25 -13.67
N LEU C 33 -0.58 -4.64 -13.95
CA LEU C 33 -1.72 -3.76 -13.81
C LEU C 33 -2.86 -4.53 -13.18
N ASN C 34 -3.51 -3.92 -12.19
CA ASN C 34 -4.65 -4.53 -11.52
C ASN C 34 -5.91 -3.66 -11.67
N TRP C 35 -7.08 -4.29 -11.63
CA TRP C 35 -8.34 -3.55 -11.76
C TRP C 35 -9.17 -3.70 -10.50
N TYR C 36 -9.86 -2.63 -10.10
CA TYR C 36 -10.69 -2.65 -8.90
C TYR C 36 -12.11 -2.15 -9.14
N GLN C 37 -12.99 -2.52 -8.21
CA GLN C 37 -14.38 -2.09 -8.23
C GLN C 37 -14.70 -1.51 -6.86
N GLN C 38 -15.14 -0.26 -6.82
CA GLN C 38 -15.49 0.37 -5.56
C GLN C 38 -16.92 0.89 -5.58
N LYS C 39 -17.79 0.22 -4.83
CA LYS C 39 -19.17 0.63 -4.69
C LYS C 39 -19.28 1.67 -3.60
N ALA C 40 -20.26 2.56 -3.75
CA ALA C 40 -20.43 3.69 -2.86
C ALA C 40 -20.44 3.27 -1.39
N GLY C 41 -19.53 3.84 -0.62
CA GLY C 41 -19.49 3.59 0.81
C GLY C 41 -18.63 2.41 1.22
N LYS C 42 -18.16 1.63 0.25
CA LYS C 42 -17.39 0.42 0.54
C LYS C 42 -15.93 0.55 0.14
N ALA C 43 -15.09 -0.33 0.69
CA ALA C 43 -13.69 -0.41 0.28
C ALA C 43 -13.61 -0.93 -1.15
N PRO C 44 -12.51 -0.62 -1.85
CA PRO C 44 -12.33 -1.17 -3.20
C PRO C 44 -12.24 -2.68 -3.18
N LYS C 45 -12.51 -3.30 -4.33
CA LYS C 45 -12.50 -4.75 -4.49
C LYS C 45 -11.70 -5.15 -5.72
N LEU C 46 -10.73 -6.03 -5.54
CA LEU C 46 -9.86 -6.46 -6.62
C LEU C 46 -10.60 -7.37 -7.59
N LEU C 47 -10.60 -7.01 -8.87
CA LEU C 47 -11.27 -7.80 -9.90
C LEU C 47 -10.25 -8.59 -10.71
N VAL C 48 -9.29 -7.89 -11.28
CA VAL C 48 -8.30 -8.51 -12.16
C VAL C 48 -6.89 -8.17 -11.71
N SER C 49 -6.10 -9.19 -11.41
CA SER C 49 -4.70 -8.97 -11.05
C SER C 49 -3.79 -9.33 -12.22
N ASP C 50 -2.66 -8.64 -12.31
CA ASP C 50 -1.70 -8.89 -13.36
C ASP C 50 -2.35 -8.86 -14.75
N ALA C 51 -3.25 -7.89 -14.95
CA ALA C 51 -3.79 -7.56 -16.26
C ALA C 51 -4.88 -8.49 -16.76
N SER C 52 -4.68 -9.81 -16.61
CA SER C 52 -5.59 -10.78 -17.20
C SER C 52 -6.18 -11.79 -16.21
N THR C 53 -5.55 -11.94 -15.05
CA THR C 53 -5.97 -12.96 -14.09
C THR C 53 -7.22 -12.50 -13.33
N LEU C 54 -8.31 -13.25 -13.48
CA LEU C 54 -9.54 -12.98 -12.75
C LEU C 54 -9.42 -13.57 -11.34
N GLU C 55 -10.01 -12.90 -10.35
CA GLU C 55 -9.90 -13.36 -8.97
C GLU C 55 -11.12 -14.17 -8.54
N GLY C 56 -10.90 -15.08 -7.59
CA GLY C 56 -11.95 -15.96 -7.11
C GLY C 56 -13.08 -15.23 -6.40
N GLY C 57 -14.29 -15.45 -6.87
CA GLY C 57 -15.47 -14.80 -6.32
C GLY C 57 -15.92 -13.64 -7.19
N VAL C 58 -15.41 -13.60 -8.42
CA VAL C 58 -15.71 -12.51 -9.33
C VAL C 58 -16.43 -13.02 -10.57
N PRO C 59 -17.70 -12.62 -10.75
CA PRO C 59 -18.55 -13.06 -11.86
C PRO C 59 -17.83 -13.16 -13.20
N SER C 60 -18.25 -14.14 -14.00
CA SER C 60 -17.62 -14.43 -15.29
C SER C 60 -17.68 -13.24 -16.27
N ARG C 61 -18.73 -12.44 -16.18
CA ARG C 61 -18.88 -11.31 -17.08
C ARG C 61 -17.70 -10.36 -16.97
N PHE C 62 -17.04 -10.37 -15.82
CA PHE C 62 -15.86 -9.54 -15.61
C PHE C 62 -14.63 -10.15 -16.25
N SER C 63 -14.00 -9.37 -17.13
CA SER C 63 -12.83 -9.84 -17.85
C SER C 63 -11.78 -8.74 -17.95
N GLY C 64 -10.53 -9.10 -17.71
CA GLY C 64 -9.41 -8.19 -17.89
C GLY C 64 -8.51 -8.68 -19.00
N SER C 65 -8.10 -7.76 -19.87
CA SER C 65 -7.22 -8.11 -20.98
C SER C 65 -6.23 -7.00 -21.21
N GLY C 66 -5.09 -7.34 -21.81
CA GLY C 66 -4.10 -6.34 -22.16
C GLY C 66 -2.68 -6.74 -21.79
N PHE C 67 -1.73 -5.93 -22.22
CA PHE C 67 -0.33 -6.18 -21.97
C PHE C 67 0.50 -4.99 -22.46
N HIS C 68 1.73 -4.89 -21.98
CA HIS C 68 2.66 -3.88 -22.46
C HIS C 68 2.18 -2.48 -22.10
N GLN C 69 1.40 -1.86 -22.98
CA GLN C 69 0.99 -0.48 -22.79
C GLN C 69 -0.52 -0.28 -22.87
N ASP C 70 -1.25 -1.31 -23.26
CA ASP C 70 -2.68 -1.19 -23.49
C ASP C 70 -3.46 -2.25 -22.74
N PHE C 71 -4.42 -1.78 -21.95
CA PHE C 71 -5.16 -2.66 -21.06
C PHE C 71 -6.63 -2.26 -21.07
N SER C 72 -7.49 -3.17 -20.66
CA SER C 72 -8.90 -2.86 -20.54
C SER C 72 -9.63 -3.86 -19.66
N LEU C 73 -10.74 -3.39 -19.09
CA LEU C 73 -11.63 -4.22 -18.29
C LEU C 73 -12.98 -4.30 -19.00
N THR C 74 -13.63 -5.46 -18.94
CA THR C 74 -14.87 -5.69 -19.67
C THR C 74 -15.92 -6.44 -18.86
N ILE C 75 -17.18 -6.03 -19.03
CA ILE C 75 -18.30 -6.71 -18.38
C ILE C 75 -19.27 -7.24 -19.42
N SER C 76 -19.17 -8.54 -19.73
CA SER C 76 -19.97 -9.18 -20.77
C SER C 76 -21.40 -8.63 -20.85
N SER C 77 -22.23 -9.00 -19.89
CA SER C 77 -23.60 -8.47 -19.82
C SER C 77 -23.74 -7.67 -18.53
N LEU C 78 -23.79 -6.34 -18.67
CA LEU C 78 -23.82 -5.44 -17.54
C LEU C 78 -25.02 -5.71 -16.63
N GLN C 79 -24.76 -5.92 -15.34
CA GLN C 79 -25.83 -6.12 -14.37
C GLN C 79 -25.89 -4.94 -13.40
N ALA C 80 -26.93 -4.90 -12.59
CA ALA C 80 -27.20 -3.75 -11.73
C ALA C 80 -26.32 -3.75 -10.48
N GLU C 81 -25.70 -4.89 -10.19
CA GLU C 81 -24.73 -4.97 -9.10
C GLU C 81 -23.41 -4.34 -9.53
N ASP C 82 -23.24 -4.13 -10.82
CA ASP C 82 -21.97 -3.66 -11.34
C ASP C 82 -21.88 -2.14 -11.38
N VAL C 83 -22.91 -1.46 -10.91
CA VAL C 83 -22.87 -0.01 -10.84
C VAL C 83 -21.85 0.39 -9.77
N ALA C 84 -20.81 1.11 -10.19
CA ALA C 84 -19.74 1.49 -9.30
C ALA C 84 -18.71 2.31 -10.05
N THR C 85 -17.58 2.55 -9.40
CA THR C 85 -16.42 3.15 -10.05
C THR C 85 -15.38 2.06 -10.25
N TYR C 86 -14.71 2.10 -11.40
CA TYR C 86 -13.67 1.13 -11.72
C TYR C 86 -12.38 1.87 -12.03
N PHE C 87 -11.29 1.48 -11.36
CA PHE C 87 -9.99 2.07 -11.63
C PHE C 87 -8.90 1.02 -11.76
N CYS C 88 -7.90 1.34 -12.57
CA CYS C 88 -6.75 0.47 -12.75
C CYS C 88 -5.68 0.88 -11.74
N GLN C 89 -4.72 -0.01 -11.49
CA GLN C 89 -3.64 0.29 -10.54
C GLN C 89 -2.30 -0.22 -11.05
N GLN C 90 -1.34 0.68 -11.16
CA GLN C 90 0.01 0.29 -11.53
C GLN C 90 0.95 0.56 -10.36
N TYR C 91 1.13 -0.46 -9.52
CA TYR C 91 1.80 -0.31 -8.23
C TYR C 91 1.04 0.71 -7.40
N GLU C 92 1.67 1.83 -7.07
CA GLU C 92 1.02 2.82 -6.22
C GLU C 92 0.34 3.93 -7.03
N THR C 93 0.35 3.79 -8.35
CA THR C 93 -0.29 4.77 -9.24
C THR C 93 -1.64 4.26 -9.70
N PHE C 94 -2.66 5.11 -9.57
CA PHE C 94 -4.02 4.72 -9.90
C PHE C 94 -4.58 5.51 -11.08
N GLY C 95 -5.38 4.85 -11.91
CA GLY C 95 -6.07 5.51 -13.00
C GLY C 95 -7.05 6.55 -12.49
N GLN C 96 -7.59 7.35 -13.40
CA GLN C 96 -8.46 8.46 -13.01
C GLN C 96 -9.85 8.00 -12.59
N GLY C 97 -10.22 6.78 -12.97
CA GLY C 97 -11.50 6.22 -12.58
C GLY C 97 -12.54 6.37 -13.68
N THR C 98 -13.45 5.41 -13.74
CA THR C 98 -14.55 5.46 -14.67
C THR C 98 -15.84 5.12 -13.93
N LYS C 99 -16.70 6.11 -13.78
CA LYS C 99 -17.99 5.91 -13.16
C LYS C 99 -18.93 5.32 -14.19
N VAL C 100 -19.59 4.23 -13.83
CA VAL C 100 -20.51 3.55 -14.74
C VAL C 100 -21.83 3.27 -14.04
N ASP C 101 -22.93 3.55 -14.74
CA ASP C 101 -24.25 3.30 -14.19
C ASP C 101 -25.21 2.80 -15.27
N ILE C 102 -26.44 2.52 -14.86
CA ILE C 102 -27.44 1.92 -15.75
C ILE C 102 -28.12 2.97 -16.61
N LYS C 103 -28.09 2.76 -17.93
CA LYS C 103 -28.81 3.64 -18.85
C LYS C 103 -30.25 3.21 -18.98
N ARG C 104 -31.16 4.09 -18.56
CA ARG C 104 -32.58 3.85 -18.64
C ARG C 104 -33.22 4.93 -19.50
N THR C 105 -34.52 4.81 -19.76
CA THR C 105 -35.25 5.80 -20.50
C THR C 105 -35.23 7.13 -19.75
N VAL C 106 -34.83 8.20 -20.43
CA VAL C 106 -34.79 9.51 -19.81
C VAL C 106 -36.07 9.73 -19.02
N ALA C 107 -35.93 10.22 -17.79
CA ALA C 107 -37.08 10.40 -16.91
C ALA C 107 -37.05 11.76 -16.23
N ALA C 108 -38.22 12.40 -16.18
CA ALA C 108 -38.33 13.72 -15.58
C ALA C 108 -38.40 13.63 -14.06
N PRO C 109 -37.82 14.62 -13.37
CA PRO C 109 -37.83 14.67 -11.91
C PRO C 109 -39.16 15.18 -11.35
N SER C 110 -39.70 14.48 -10.36
CA SER C 110 -40.87 14.96 -9.63
C SER C 110 -40.39 16.00 -8.60
N VAL C 111 -40.74 17.26 -8.81
CA VAL C 111 -40.17 18.35 -8.04
C VAL C 111 -41.05 18.80 -6.86
N PHE C 112 -40.39 19.24 -5.79
CA PHE C 112 -41.08 19.77 -4.62
C PHE C 112 -40.24 20.86 -3.98
N ILE C 113 -40.89 21.89 -3.45
CA ILE C 113 -40.19 22.97 -2.77
C ILE C 113 -40.68 23.11 -1.34
N PHE C 114 -39.77 23.49 -0.45
CA PHE C 114 -40.08 23.59 0.97
C PHE C 114 -39.62 24.92 1.55
N PRO C 115 -40.56 25.68 2.14
CA PRO C 115 -40.14 26.90 2.84
C PRO C 115 -39.37 26.53 4.10
N PRO C 116 -38.70 27.51 4.71
CA PRO C 116 -38.05 27.26 6.00
C PRO C 116 -39.09 27.19 7.12
N SER C 117 -38.87 26.28 8.07
CA SER C 117 -39.69 26.19 9.26
C SER C 117 -39.68 27.51 10.00
N ASP C 118 -40.72 27.78 10.78
CA ASP C 118 -40.71 28.96 11.64
C ASP C 118 -39.73 28.80 12.79
N GLU C 119 -39.52 27.56 13.24
CA GLU C 119 -38.55 27.28 14.29
C GLU C 119 -37.16 27.69 13.85
N GLN C 120 -36.84 27.47 12.58
CA GLN C 120 -35.51 27.82 12.09
C GLN C 120 -35.34 29.33 12.01
N LEU C 121 -36.39 30.04 11.61
CA LEU C 121 -36.30 31.50 11.48
C LEU C 121 -35.93 32.18 12.79
N LYS C 122 -36.45 31.67 13.90
CA LYS C 122 -36.07 32.18 15.22
C LYS C 122 -34.55 32.11 15.42
N SER C 123 -33.92 31.10 14.82
CA SER C 123 -32.47 30.95 14.90
C SER C 123 -31.74 32.06 14.16
N GLY C 124 -32.44 32.76 13.27
CA GLY C 124 -31.84 33.83 12.50
C GLY C 124 -31.28 33.34 11.18
N THR C 125 -31.63 32.10 10.82
CA THR C 125 -31.19 31.50 9.57
C THR C 125 -32.40 30.93 8.83
N ALA C 126 -32.29 30.74 7.52
CA ALA C 126 -33.40 30.22 6.73
C ALA C 126 -32.92 29.30 5.62
N SER C 127 -33.39 28.05 5.65
CA SER C 127 -33.02 27.07 4.64
C SER C 127 -34.21 26.74 3.76
N VAL C 128 -34.04 26.94 2.45
CA VAL C 128 -35.08 26.64 1.49
C VAL C 128 -34.66 25.45 0.66
N VAL C 129 -35.41 24.36 0.74
CA VAL C 129 -35.02 23.12 0.08
C VAL C 129 -35.82 22.85 -1.19
N CYS C 130 -35.14 22.33 -2.21
CA CYS C 130 -35.78 21.97 -3.46
C CYS C 130 -35.47 20.51 -3.79
N LEU C 131 -36.49 19.66 -3.77
CA LEU C 131 -36.30 18.23 -3.98
C LEU C 131 -36.59 17.81 -5.41
N LEU C 132 -35.69 17.01 -5.99
CA LEU C 132 -35.91 16.37 -7.28
C LEU C 132 -35.98 14.87 -7.06
N ASN C 133 -37.07 14.25 -7.47
CA ASN C 133 -37.29 12.84 -7.13
C ASN C 133 -37.38 11.91 -8.33
N ASN C 134 -36.46 10.96 -8.39
CA ASN C 134 -36.53 9.83 -9.32
C ASN C 134 -36.43 10.23 -10.79
N PHE C 135 -35.24 10.62 -11.22
CA PHE C 135 -35.02 11.04 -12.60
C PHE C 135 -33.76 10.42 -13.21
N TYR C 136 -33.62 10.56 -14.52
CA TYR C 136 -32.43 10.09 -15.21
C TYR C 136 -32.28 10.78 -16.56
N PRO C 137 -31.04 11.07 -16.98
CA PRO C 137 -29.77 10.80 -16.30
C PRO C 137 -29.52 11.68 -15.09
N ARG C 138 -28.44 11.39 -14.37
CA ARG C 138 -28.07 12.12 -13.16
C ARG C 138 -27.97 13.61 -13.40
N GLU C 139 -27.52 13.97 -14.61
CA GLU C 139 -27.32 15.35 -14.98
C GLU C 139 -28.59 16.18 -14.78
N ALA C 140 -28.42 17.44 -14.42
CA ALA C 140 -29.54 18.35 -14.20
C ALA C 140 -28.97 19.71 -13.84
N LYS C 141 -29.84 20.69 -13.66
CA LYS C 141 -29.39 22.04 -13.31
C LYS C 141 -30.47 22.79 -12.55
N VAL C 142 -30.33 22.81 -11.23
CA VAL C 142 -31.22 23.58 -10.36
C VAL C 142 -30.61 24.93 -10.08
N GLN C 143 -31.36 25.99 -10.35
CA GLN C 143 -30.91 27.34 -10.06
C GLN C 143 -32.01 28.11 -9.34
N TRP C 144 -31.66 28.68 -8.20
CA TRP C 144 -32.63 29.32 -7.33
C TRP C 144 -32.96 30.73 -7.78
N LYS C 145 -34.23 31.11 -7.64
CA LYS C 145 -34.66 32.47 -7.95
C LYS C 145 -35.38 33.08 -6.75
N VAL C 146 -34.93 34.26 -6.35
CA VAL C 146 -35.60 35.03 -5.29
C VAL C 146 -36.21 36.29 -5.89
N ASP C 147 -37.52 36.27 -6.08
CA ASP C 147 -38.22 37.34 -6.80
C ASP C 147 -37.70 37.43 -8.23
N ASN C 148 -37.49 36.26 -8.83
CA ASN C 148 -37.03 36.15 -10.21
C ASN C 148 -35.58 36.60 -10.36
N ALA C 149 -34.85 36.65 -9.25
CA ALA C 149 -33.43 36.99 -9.28
C ALA C 149 -32.58 35.75 -9.03
N LEU C 150 -32.09 35.14 -10.11
CA LEU C 150 -31.27 33.95 -9.99
C LEU C 150 -30.27 34.09 -8.84
N GLN C 151 -30.13 33.04 -8.05
CA GLN C 151 -29.14 32.99 -6.98
C GLN C 151 -28.03 32.03 -7.37
N SER C 152 -26.81 32.35 -6.97
CA SER C 152 -25.67 31.49 -7.23
C SER C 152 -24.59 31.72 -6.17
N GLY C 153 -24.03 30.62 -5.66
CA GLY C 153 -22.99 30.69 -4.65
C GLY C 153 -23.52 30.63 -3.23
N ASN C 154 -24.84 30.54 -3.09
CA ASN C 154 -25.45 30.41 -1.78
C ASN C 154 -26.27 29.13 -1.69
N SER C 155 -26.06 28.24 -2.67
CA SER C 155 -26.77 26.97 -2.73
C SER C 155 -25.82 25.78 -2.62
N GLN C 156 -26.28 24.73 -1.96
CA GLN C 156 -25.55 23.47 -1.89
C GLN C 156 -26.52 22.34 -2.18
N GLU C 157 -26.11 21.42 -3.06
CA GLU C 157 -26.97 20.31 -3.42
C GLU C 157 -26.33 18.97 -3.10
N SER C 158 -27.16 17.93 -3.08
CA SER C 158 -26.71 16.60 -2.69
C SER C 158 -27.54 15.53 -3.42
N VAL C 159 -26.86 14.64 -4.11
CA VAL C 159 -27.52 13.60 -4.88
C VAL C 159 -27.41 12.26 -4.17
N THR C 160 -28.31 11.34 -4.46
CA THR C 160 -28.26 10.00 -3.90
C THR C 160 -27.51 9.07 -4.85
N GLU C 161 -27.33 7.83 -4.44
CA GLU C 161 -26.81 6.81 -5.33
C GLU C 161 -27.95 6.30 -6.20
N GLN C 162 -27.62 5.88 -7.41
CA GLN C 162 -28.63 5.32 -8.30
C GLN C 162 -29.38 4.21 -7.58
N ASP C 163 -30.69 4.40 -7.42
CA ASP C 163 -31.52 3.36 -6.83
C ASP C 163 -31.32 2.06 -7.61
N SER C 164 -31.43 0.92 -6.93
CA SER C 164 -31.21 -0.37 -7.55
C SER C 164 -32.39 -0.82 -8.40
N LYS C 165 -33.59 -0.70 -7.85
CA LYS C 165 -34.81 -1.18 -8.50
C LYS C 165 -35.14 -0.38 -9.76
N ASP C 166 -35.43 0.91 -9.59
CA ASP C 166 -35.88 1.74 -10.71
C ASP C 166 -34.74 2.42 -11.47
N SER C 167 -33.57 2.50 -10.84
CA SER C 167 -32.37 3.02 -11.50
C SER C 167 -32.41 4.54 -11.67
N THR C 168 -33.01 5.23 -10.71
CA THR C 168 -33.12 6.69 -10.77
C THR C 168 -32.27 7.37 -9.70
N TYR C 169 -31.96 8.64 -9.95
CA TYR C 169 -31.31 9.50 -8.97
C TYR C 169 -32.34 10.45 -8.37
N SER C 170 -32.02 10.99 -7.20
CA SER C 170 -32.82 12.05 -6.62
C SER C 170 -31.89 13.10 -6.01
N LEU C 171 -32.29 14.36 -6.03
CA LEU C 171 -31.40 15.45 -5.70
C LEU C 171 -32.06 16.46 -4.76
N SER C 172 -31.33 16.84 -3.72
CA SER C 172 -31.79 17.85 -2.78
C SER C 172 -30.87 19.05 -2.85
N SER C 173 -31.46 20.22 -3.12
CA SER C 173 -30.70 21.46 -3.17
C SER C 173 -31.16 22.37 -2.04
N THR C 174 -30.20 22.93 -1.32
CA THR C 174 -30.52 23.84 -0.23
C THR C 174 -29.99 25.24 -0.51
N LEU C 175 -30.90 26.19 -0.52
CA LEU C 175 -30.56 27.60 -0.61
C LEU C 175 -30.55 28.15 0.80
N THR C 176 -29.40 28.64 1.24
CA THR C 176 -29.27 29.17 2.59
C THR C 176 -29.10 30.68 2.56
N LEU C 177 -29.72 31.36 3.52
CA LEU C 177 -29.62 32.81 3.65
C LEU C 177 -30.16 33.23 5.01
N SER C 178 -29.72 34.39 5.48
CA SER C 178 -30.04 34.83 6.83
C SER C 178 -31.53 35.13 6.98
N LYS C 179 -32.01 35.04 8.21
CA LYS C 179 -33.40 35.35 8.53
C LYS C 179 -33.80 36.70 7.95
N ALA C 180 -33.02 37.74 8.29
CA ALA C 180 -33.34 39.09 7.87
C ALA C 180 -33.36 39.21 6.34
N ASP C 181 -32.49 38.45 5.68
CA ASP C 181 -32.40 38.51 4.22
C ASP C 181 -33.60 37.86 3.55
N TYR C 182 -34.14 36.83 4.20
CA TYR C 182 -35.28 36.07 3.69
C TYR C 182 -36.56 36.89 3.73
N GLU C 183 -36.73 37.66 4.79
CA GLU C 183 -37.95 38.45 4.98
C GLU C 183 -38.05 39.62 4.01
N LYS C 184 -37.03 39.82 3.19
CA LYS C 184 -37.01 40.91 2.22
C LYS C 184 -37.67 40.56 0.89
N HIS C 185 -37.88 39.26 0.65
CA HIS C 185 -38.43 38.81 -0.62
C HIS C 185 -39.68 37.96 -0.43
N LYS C 186 -40.41 37.75 -1.52
CA LYS C 186 -41.68 37.02 -1.47
C LYS C 186 -41.63 35.77 -2.34
N VAL C 187 -41.28 35.94 -3.61
CA VAL C 187 -41.28 34.84 -4.55
C VAL C 187 -39.97 34.05 -4.45
N TYR C 188 -40.11 32.76 -4.16
CA TYR C 188 -38.96 31.86 -4.06
C TYR C 188 -39.17 30.66 -4.96
N ALA C 189 -38.25 30.42 -5.89
CA ALA C 189 -38.48 29.40 -6.91
C ALA C 189 -37.26 28.50 -7.18
N CYS C 190 -37.54 27.29 -7.66
CA CYS C 190 -36.51 26.39 -8.16
C CYS C 190 -36.64 26.32 -9.68
N GLU C 191 -35.66 26.86 -10.39
CA GLU C 191 -35.63 26.73 -11.85
C GLU C 191 -34.86 25.47 -12.20
N VAL C 192 -35.50 24.57 -12.94
CA VAL C 192 -34.94 23.25 -13.18
C VAL C 192 -34.80 22.93 -14.66
N THR C 193 -33.66 22.37 -15.03
CA THR C 193 -33.40 21.98 -16.41
C THR C 193 -33.04 20.51 -16.48
N HIS C 194 -33.52 19.81 -17.51
CA HIS C 194 -33.22 18.40 -17.67
C HIS C 194 -33.73 17.84 -18.99
N GLN C 195 -33.08 16.79 -19.48
CA GLN C 195 -33.49 16.14 -20.73
C GLN C 195 -34.96 15.75 -20.71
N GLY C 196 -35.42 15.23 -19.58
CA GLY C 196 -36.79 14.77 -19.43
C GLY C 196 -37.81 15.89 -19.40
N LEU C 197 -37.34 17.13 -19.49
CA LEU C 197 -38.24 18.28 -19.46
C LEU C 197 -38.28 19.00 -20.81
N SER C 198 -39.48 19.10 -21.37
CA SER C 198 -39.71 19.87 -22.58
C SER C 198 -39.30 21.33 -22.34
N SER C 199 -39.66 21.85 -21.18
CA SER C 199 -39.34 23.23 -20.81
C SER C 199 -38.82 23.29 -19.37
N PRO C 200 -37.96 24.28 -19.09
CA PRO C 200 -37.46 24.45 -17.71
C PRO C 200 -38.62 24.62 -16.73
N VAL C 201 -38.67 23.76 -15.72
CA VAL C 201 -39.78 23.77 -14.77
C VAL C 201 -39.50 24.67 -13.58
N THR C 202 -40.54 25.38 -13.14
CA THR C 202 -40.45 26.23 -11.96
C THR C 202 -41.40 25.76 -10.86
N LYS C 203 -40.91 25.74 -9.63
CA LYS C 203 -41.72 25.40 -8.48
C LYS C 203 -41.43 26.42 -7.40
N SER C 204 -42.46 27.14 -6.97
CA SER C 204 -42.25 28.27 -6.07
C SER C 204 -43.30 28.37 -4.97
N PHE C 205 -43.05 29.30 -4.06
CA PHE C 205 -44.02 29.66 -3.03
C PHE C 205 -43.83 31.14 -2.70
N ASN C 206 -44.86 31.75 -2.15
CA ASN C 206 -44.76 33.13 -1.68
C ASN C 206 -44.60 33.14 -0.16
N ARG C 207 -43.53 33.76 0.31
CA ARG C 207 -43.24 33.82 1.74
C ARG C 207 -44.46 34.24 2.54
N GLY C 208 -45.12 33.28 3.18
CA GLY C 208 -46.29 33.54 3.99
C GLY C 208 -47.57 33.44 3.18
C1 NAG D . 17.85 -6.64 -17.30
C2 NAG D . 16.79 -5.60 -16.97
C3 NAG D . 15.48 -5.88 -17.70
C4 NAG D . 15.73 -6.16 -19.18
C5 NAG D . 16.77 -7.28 -19.31
C6 NAG D . 17.07 -7.60 -20.76
C7 NAG D . 16.81 -4.49 -14.79
C8 NAG D . 15.92 -4.25 -13.62
N2 NAG D . 16.55 -5.57 -15.53
O3 NAG D . 14.60 -4.78 -17.56
O4 NAG D . 14.52 -6.53 -19.79
O5 NAG D . 17.96 -6.90 -18.68
O6 NAG D . 15.96 -8.22 -21.34
O7 NAG D . 17.75 -3.73 -15.03
C1 NAG E . 34.56 -12.47 5.57
C2 NAG E . 34.16 -12.69 7.02
C3 NAG E . 35.33 -12.53 7.97
C4 NAG E . 36.47 -13.39 7.48
C5 NAG E . 36.80 -13.04 6.04
C6 NAG E . 37.97 -13.87 5.52
C7 NAG E . 31.91 -12.25 7.78
C8 NAG E . 30.91 -11.22 8.19
N2 NAG E . 33.07 -11.79 7.34
O3 NAG E . 34.97 -12.94 9.27
O4 NAG E . 37.59 -13.18 8.32
O5 NAG E . 35.67 -13.28 5.25
O6 NAG E . 37.64 -15.24 5.50
O7 NAG E . 31.66 -13.46 7.84
C1 NAG F . 8.56 -5.63 -14.23
C2 NAG F . 8.03 -4.70 -15.32
C3 NAG F . 7.47 -5.45 -16.52
C4 NAG F . 8.38 -6.58 -16.96
C5 NAG F . 8.83 -7.42 -15.76
C6 NAG F . 9.85 -8.46 -16.19
C7 NAG F . 7.04 -2.56 -14.77
C8 NAG F . 6.03 -1.86 -13.90
N2 NAG F . 7.00 -3.88 -14.75
O3 NAG F . 7.29 -4.55 -17.59
O4 NAG F . 7.70 -7.39 -17.89
O5 NAG F . 9.41 -6.62 -14.76
O6 NAG F . 10.52 -8.93 -15.04
O7 NAG F . 7.85 -1.92 -15.45
C1 NAG G . 32.90 -0.61 -12.22
C2 NAG G . 34.18 -0.34 -13.00
C3 NAG G . 34.22 1.08 -13.53
C4 NAG G . 32.96 1.34 -14.33
C5 NAG G . 31.73 1.12 -13.46
C6 NAG G . 30.47 1.27 -14.29
C7 NAG G . 36.10 -1.71 -12.40
C8 NAG G . 37.31 -1.86 -11.53
N2 NAG G . 35.34 -0.62 -12.20
O3 NAG G . 35.35 1.27 -14.35
O4 NAG G . 32.99 2.67 -14.79
O5 NAG G . 31.73 -0.17 -12.88
O6 NAG G . 29.37 0.83 -13.52
O7 NAG G . 35.82 -2.56 -13.25
C1 NAG H . 41.48 -3.48 11.43
C2 NAG H . 42.94 -3.58 11.03
C3 NAG H . 43.86 -3.85 12.22
C4 NAG H . 43.50 -2.95 13.40
C5 NAG H . 41.98 -2.94 13.66
C6 NAG H . 41.63 -1.98 14.79
C7 NAG H . 43.31 -4.32 8.75
C8 NAG H . 43.32 -5.48 7.79
N2 NAG H . 43.12 -4.62 10.03
O3 NAG H . 45.20 -3.62 11.86
O4 NAG H . 44.17 -3.42 14.55
O5 NAG H . 41.31 -2.56 12.49
O6 NAG H . 41.82 -0.65 14.38
O7 NAG H . 43.46 -3.17 8.32
C1 NAG I . 42.52 4.57 1.25
C2 NAG I . 43.96 4.10 1.47
C3 NAG I . 44.92 4.78 0.50
C4 NAG I . 44.41 4.70 -0.93
C5 NAG I . 42.94 5.12 -1.02
C6 NAG I . 42.39 4.91 -2.44
C7 NAG I . 44.23 5.49 3.45
C8 NAG I . 44.88 5.63 4.80
N2 NAG I . 44.41 4.33 2.83
O3 NAG I . 46.17 4.14 0.57
O4 NAG I . 45.17 5.56 -1.74
O5 NAG I . 42.13 4.41 -0.10
O6 NAG I . 42.63 3.60 -2.89
O7 NAG I . 43.58 6.43 2.98
C1 NAG J . 21.48 10.85 -18.61
C2 NAG J . 21.87 11.74 -19.78
C3 NAG J . 23.32 11.58 -20.26
C4 NAG J . 24.29 11.24 -19.12
C5 NAG J . 23.70 10.17 -18.20
C6 NAG J . 24.66 9.82 -17.07
C7 NAG J . 20.13 10.46 -20.92
C8 NAG J . 18.69 10.72 -21.26
N2 NAG J . 20.95 11.51 -20.89
O3 NAG J . 23.74 12.78 -20.85
O4 NAG J . 25.50 10.77 -19.66
O5 NAG J . 22.50 10.67 -17.66
O6 NAG J . 24.82 10.91 -16.20
O7 NAG J . 20.50 9.30 -20.69
C1 NAG K . 22.94 6.37 13.51
C2 NAG K . 21.49 6.39 14.03
C3 NAG K . 20.78 7.72 13.84
C4 NAG K . 21.69 8.86 14.27
C5 NAG K . 23.02 8.73 13.53
C6 NAG K . 23.96 9.89 13.85
C7 NAG K . 20.25 4.32 14.10
C8 NAG K . 19.56 3.23 13.35
N2 NAG K . 20.73 5.33 13.38
O3 NAG K . 19.59 7.74 14.60
O4 NAG K . 21.10 10.09 13.96
O5 NAG K . 23.66 7.52 13.88
O6 NAG K . 24.47 9.70 15.14
O7 NAG K . 20.37 4.27 15.34
C1 NAG L . 28.27 14.27 5.44
C2 NAG L . 29.16 13.87 6.62
C3 NAG L . 29.98 14.97 7.27
C4 NAG L . 30.43 15.97 6.23
C5 NAG L . 29.17 16.47 5.53
C6 NAG L . 29.41 17.77 4.75
C7 NAG L . 28.14 11.87 7.54
C8 NAG L . 26.76 11.39 7.94
N2 NAG L . 28.37 13.17 7.62
O3 NAG L . 31.12 14.42 7.90
O4 NAG L . 31.14 17.02 6.82
O5 NAG L . 28.68 15.43 4.72
O6 NAG L . 30.61 17.70 4.02
O7 NAG L . 28.98 11.06 7.14
S SO4 M . 37.85 2.34 -11.82
O1 SO4 M . 36.55 1.69 -11.65
O2 SO4 M . 38.53 1.79 -12.99
O3 SO4 M . 37.64 3.77 -12.01
O4 SO4 M . 38.66 2.12 -10.63
S SO4 N . 39.96 -33.15 6.92
O1 SO4 N . 39.35 -33.41 8.23
O2 SO4 N . 38.92 -33.14 5.90
O3 SO4 N . 40.65 -31.87 6.95
O4 SO4 N . 40.92 -34.20 6.62
S SO4 O . 20.37 -30.77 7.62
O1 SO4 O . 20.44 -31.16 9.03
O2 SO4 O . 18.98 -30.48 7.27
O3 SO4 O . 21.17 -29.57 7.39
O4 SO4 O . 20.88 -31.85 6.77
S SO4 P . 42.00 1.69 -5.93
O1 SO4 P . 40.76 2.11 -5.27
O2 SO4 P . 41.82 1.72 -7.38
O3 SO4 P . 43.08 2.61 -5.57
O4 SO4 P . 42.36 0.34 -5.50
S SO4 Q . -9.94 8.32 18.48
O1 SO4 Q . -11.16 7.76 19.04
O2 SO4 Q . -9.26 7.31 17.66
O3 SO4 Q . -10.29 9.48 17.66
O4 SO4 Q . -9.05 8.74 19.56
#